data_7D9I
#
_entry.id   7D9I
#
_cell.length_a   69.273
_cell.length_b   85.762
_cell.length_c   100.040
_cell.angle_alpha   90.000
_cell.angle_beta   98.353
_cell.angle_gamma   90.000
#
_symmetry.space_group_name_H-M   'P 1 21 1'
#
loop_
_entity.id
_entity.type
_entity.pdbx_description
1 polymer 'Spermidine dehydrogenase, SpdH'
2 non-polymer 'FLAVIN-ADENINE DINUCLEOTIDE'
3 non-polymer 'PROTOPORPHYRIN IX CONTAINING FE'
4 water water
#
_entity_poly.entity_id   1
_entity_poly.type   'polypeptide(L)'
_entity_poly.pdbx_seq_one_letter_code
;MTISRRDFLNGVALTIAAGLTPAEILRAAPGGRYYPPALTGLRGSHPGAFEVAHQMGWEKKTFDVDHLPIEEEYDLVVVG
GGISGLAAAWFYRERHPAARILVIENHDDFGGHAKRNEFQAGGRTILGYGGSESLQSPNALYSEDAKHLLKRLGVELKRF
ETAFDTDFYPGLGLSRAVFFDKASFGVDKLVSGDPTPMVADEVPRDRLNARSWRAFIGDFPLSREDREALIALYESPRDY
LAGKSVEEKETYLAKTSYRDYLLKNVGLSETSVKYFQGRSNAFSALGADALPAADAYAAGFPGFDALGLPQPSEEAQAEM
DEPYIYHFPDGNASLARLMVRDLIPAVAPGRGMEDIVMARFDYSKLDLAGHPVRLRLNSTAVSVRNRAGGVDVGYSRAGR
LHRVRGKHCVMACYNMMVPYLLRDLSEEQAHALSQNVKFPLVYTKVLLRNWQAWKTLGIHEIYAPTLPYSRIKLDFPVDL
GSYRHPRDPRQPIGVHMVYVPTTPNAGMDARTQARVGRSKLYAMSFEQLEKDIRDQLQAMLGPAGFDHRRDITGITVNRW
SHGYSYFMNTLYDDEAESEALMELARSKVGNVAIANSDAAWDAYAHAAIDQAVRAVRELG
;
_entity_poly.pdbx_strand_id   A,B
#
loop_
_chem_comp.id
_chem_comp.type
_chem_comp.name
_chem_comp.formula
FAD non-polymer 'FLAVIN-ADENINE DINUCLEOTIDE' 'C27 H33 N9 O15 P2'
HEM non-polymer 'PROTOPORPHYRIN IX CONTAINING FE' 'C34 H32 Fe N4 O4'
#
# COMPACT_ATOMS: atom_id res chain seq x y z
N TYR A 34 13.48 -39.15 1.20
CA TYR A 34 13.58 -37.67 1.12
C TYR A 34 14.02 -37.20 -0.27
N TYR A 35 13.09 -36.64 -1.01
CA TYR A 35 13.39 -36.31 -2.39
C TYR A 35 12.49 -35.16 -2.85
N PRO A 36 12.88 -33.91 -2.58
CA PRO A 36 12.02 -32.74 -2.91
C PRO A 36 11.58 -32.66 -4.36
N PRO A 37 12.41 -33.01 -5.34
CA PRO A 37 12.01 -32.78 -6.74
C PRO A 37 10.74 -33.52 -7.14
N ALA A 38 10.39 -34.63 -6.49
CA ALA A 38 9.17 -35.32 -6.86
C ALA A 38 7.93 -34.72 -6.20
N LEU A 39 8.08 -33.82 -5.25
CA LEU A 39 6.93 -33.20 -4.61
C LEU A 39 6.25 -32.24 -5.58
N THR A 40 4.91 -32.25 -5.58
CA THR A 40 4.12 -31.32 -6.38
C THR A 40 3.36 -30.38 -5.42
N GLY A 41 2.34 -29.70 -5.94
CA GLY A 41 1.60 -28.78 -5.10
C GLY A 41 2.35 -27.47 -4.87
N LEU A 42 2.19 -26.92 -3.66
CA LEU A 42 2.76 -25.60 -3.36
C LEU A 42 4.26 -25.75 -3.08
N ARG A 43 5.07 -25.39 -4.06
CA ARG A 43 6.51 -25.51 -3.93
C ARG A 43 7.15 -24.11 -4.06
N GLY A 44 8.33 -24.01 -4.66
CA GLY A 44 9.03 -22.71 -4.62
C GLY A 44 9.41 -22.43 -3.17
N SER A 45 9.14 -21.21 -2.69
CA SER A 45 9.27 -20.91 -1.28
C SER A 45 8.06 -21.49 -0.55
N HIS A 46 8.19 -22.75 -0.17
CA HIS A 46 7.12 -23.60 0.34
C HIS A 46 6.86 -23.34 1.82
N PRO A 47 5.71 -23.77 2.34
CA PRO A 47 5.52 -23.78 3.79
C PRO A 47 6.70 -24.46 4.48
N GLY A 48 7.16 -23.87 5.58
CA GLY A 48 8.32 -24.34 6.30
C GLY A 48 9.62 -23.61 5.98
N ALA A 49 9.68 -22.92 4.83
CA ALA A 49 10.91 -22.31 4.38
C ALA A 49 11.13 -20.91 4.92
N PHE A 50 10.07 -20.20 5.28
CA PHE A 50 10.15 -18.76 5.44
C PHE A 50 9.75 -18.28 6.82
N GLU A 51 9.23 -19.16 7.69
CA GLU A 51 8.62 -18.71 8.95
C GLU A 51 9.65 -18.09 9.89
N VAL A 52 10.84 -18.69 10.02
CA VAL A 52 11.85 -18.08 10.89
C VAL A 52 12.33 -16.77 10.29
N ALA A 53 12.59 -16.75 8.97
CA ALA A 53 12.93 -15.51 8.29
C ALA A 53 11.93 -14.40 8.57
N HIS A 54 10.63 -14.69 8.54
CA HIS A 54 9.63 -13.65 8.79
C HIS A 54 9.51 -13.27 10.27
N GLN A 55 9.81 -14.19 11.18
CA GLN A 55 9.91 -13.81 12.58
C GLN A 55 10.94 -12.70 12.75
N MET A 56 12.06 -12.80 12.04
CA MET A 56 13.04 -11.72 12.08
C MET A 56 12.54 -10.51 11.29
N GLY A 57 12.11 -10.75 10.05
CA GLY A 57 11.81 -9.64 9.15
C GLY A 57 10.56 -8.86 9.53
N TRP A 58 9.50 -9.54 9.98
CA TRP A 58 8.23 -8.89 10.27
C TRP A 58 8.07 -8.58 11.75
N GLU A 59 8.27 -9.57 12.62
CA GLU A 59 8.09 -9.38 14.04
C GLU A 59 9.31 -8.78 14.73
N LYS A 60 10.45 -8.68 14.04
CA LYS A 60 11.69 -8.17 14.66
C LYS A 60 12.15 -9.02 15.84
N LYS A 61 11.81 -10.30 15.84
CA LYS A 61 12.41 -11.19 16.82
C LYS A 61 13.88 -11.39 16.47
N THR A 62 14.73 -11.41 17.49
CA THR A 62 16.13 -11.77 17.31
C THR A 62 16.38 -13.13 17.95
N PHE A 63 17.28 -13.89 17.33
CA PHE A 63 17.65 -15.23 17.78
C PHE A 63 19.16 -15.19 18.04
N ASP A 64 19.55 -14.78 19.22
CA ASP A 64 20.97 -14.75 19.52
C ASP A 64 21.44 -16.13 19.97
N VAL A 65 22.61 -16.52 19.49
CA VAL A 65 23.17 -17.82 19.83
C VAL A 65 24.46 -17.70 20.63
N ASP A 66 24.80 -16.51 21.11
CA ASP A 66 26.09 -16.30 21.75
C ASP A 66 26.19 -16.95 23.14
N HIS A 67 25.10 -17.47 23.68
CA HIS A 67 25.16 -18.20 24.93
C HIS A 67 25.08 -19.70 24.70
N LEU A 68 25.22 -20.14 23.46
CA LEU A 68 25.25 -21.56 23.09
C LEU A 68 26.68 -21.98 22.78
N PRO A 69 27.03 -23.21 23.11
CA PRO A 69 28.35 -23.74 22.72
C PRO A 69 28.47 -23.89 21.21
N ILE A 70 29.65 -23.56 20.70
CA ILE A 70 29.95 -23.80 19.30
C ILE A 70 29.97 -25.30 19.05
N GLU A 71 29.19 -25.77 18.09
CA GLU A 71 29.07 -27.21 17.86
C GLU A 71 30.01 -27.74 16.80
N GLU A 72 30.35 -26.94 15.79
CA GLU A 72 31.18 -27.42 14.69
C GLU A 72 32.02 -26.25 14.20
N GLU A 73 33.18 -26.57 13.63
CA GLU A 73 34.04 -25.55 13.06
C GLU A 73 34.34 -25.87 11.59
N TYR A 74 34.42 -24.83 10.78
CA TYR A 74 34.64 -24.96 9.35
C TYR A 74 35.64 -23.91 8.91
N ASP A 75 36.25 -24.12 7.75
CA ASP A 75 37.00 -23.04 7.14
C ASP A 75 36.05 -21.99 6.57
N LEU A 76 35.03 -22.42 5.82
CA LEU A 76 34.06 -21.50 5.26
C LEU A 76 32.64 -21.94 5.61
N VAL A 77 31.83 -20.98 6.06
CA VAL A 77 30.38 -21.16 6.19
C VAL A 77 29.71 -20.27 5.13
N VAL A 78 28.81 -20.86 4.35
CA VAL A 78 28.03 -20.12 3.35
C VAL A 78 26.58 -20.11 3.81
N VAL A 79 26.02 -18.92 3.96
CA VAL A 79 24.58 -18.77 4.22
C VAL A 79 23.87 -18.68 2.87
N GLY A 80 23.04 -19.69 2.56
CA GLY A 80 22.26 -19.66 1.33
C GLY A 80 22.80 -20.65 0.32
N GLY A 81 21.96 -21.59 -0.12
CA GLY A 81 22.39 -22.67 -0.98
C GLY A 81 21.89 -22.59 -2.41
N GLY A 82 21.68 -21.36 -2.90
CA GLY A 82 21.46 -21.15 -4.32
C GLY A 82 22.73 -21.28 -5.13
N ILE A 83 22.62 -20.95 -6.42
CA ILE A 83 23.77 -21.01 -7.32
C ILE A 83 24.92 -20.18 -6.80
N SER A 84 24.63 -19.01 -6.23
CA SER A 84 25.73 -18.18 -5.75
C SER A 84 26.45 -18.86 -4.58
N GLY A 85 25.69 -19.38 -3.62
CA GLY A 85 26.33 -20.02 -2.48
C GLY A 85 27.09 -21.27 -2.88
N LEU A 86 26.49 -22.09 -3.75
CA LEU A 86 27.17 -23.27 -4.26
C LEU A 86 28.45 -22.90 -5.00
N ALA A 87 28.40 -21.83 -5.81
CA ALA A 87 29.60 -21.41 -6.52
C ALA A 87 30.65 -20.91 -5.54
N ALA A 88 30.24 -20.18 -4.49
CA ALA A 88 31.17 -19.73 -3.48
C ALA A 88 31.92 -20.92 -2.87
N ALA A 89 31.18 -21.96 -2.49
CA ALA A 89 31.82 -23.16 -1.97
C ALA A 89 32.77 -23.75 -2.99
N TRP A 90 32.34 -23.84 -4.26
CA TRP A 90 33.18 -24.49 -5.27
C TRP A 90 34.47 -23.71 -5.50
N PHE A 91 34.38 -22.38 -5.62
CA PHE A 91 35.57 -21.58 -5.87
C PHE A 91 36.45 -21.48 -4.64
N TYR A 92 35.84 -21.43 -3.46
CA TYR A 92 36.64 -21.50 -2.24
C TYR A 92 37.46 -22.78 -2.22
N ARG A 93 36.83 -23.91 -2.53
CA ARG A 93 37.52 -25.19 -2.48
C ARG A 93 38.59 -25.29 -3.55
N GLU A 94 38.36 -24.65 -4.70
CA GLU A 94 39.40 -24.64 -5.74
C GLU A 94 40.66 -23.94 -5.23
N ARG A 95 40.49 -22.85 -4.49
CA ARG A 95 41.61 -22.13 -3.91
C ARG A 95 42.21 -22.84 -2.70
N HIS A 96 41.37 -23.53 -1.92
CA HIS A 96 41.77 -24.20 -0.67
C HIS A 96 41.31 -25.64 -0.73
N PRO A 97 42.03 -26.50 -1.45
CA PRO A 97 41.50 -27.87 -1.70
C PRO A 97 41.11 -28.62 -0.44
N ALA A 98 41.79 -28.41 0.69
CA ALA A 98 41.50 -29.09 1.95
C ALA A 98 40.39 -28.44 2.78
N ALA A 99 39.72 -27.42 2.25
CA ALA A 99 38.79 -26.62 3.04
C ALA A 99 37.59 -27.46 3.50
N ARG A 100 37.15 -27.20 4.73
CA ARG A 100 35.90 -27.71 5.30
C ARG A 100 34.85 -26.63 5.14
N ILE A 101 33.76 -26.95 4.43
CA ILE A 101 32.74 -25.96 4.08
C ILE A 101 31.37 -26.46 4.53
N LEU A 102 30.61 -25.59 5.19
CA LEU A 102 29.22 -25.83 5.54
C LEU A 102 28.34 -24.84 4.77
N VAL A 103 27.32 -25.35 4.07
CA VAL A 103 26.33 -24.54 3.37
C VAL A 103 25.00 -24.65 4.14
N ILE A 104 24.47 -23.50 4.59
CA ILE A 104 23.21 -23.44 5.33
C ILE A 104 22.13 -22.91 4.38
N GLU A 105 21.07 -23.69 4.16
CA GLU A 105 19.99 -23.34 3.22
C GLU A 105 18.61 -23.62 3.83
N ASN A 106 17.74 -22.61 3.79
CA ASN A 106 16.47 -22.70 4.50
C ASN A 106 15.38 -23.49 3.76
N HIS A 107 15.47 -23.68 2.44
CA HIS A 107 14.46 -24.45 1.74
C HIS A 107 14.69 -25.95 2.00
N ASP A 108 13.76 -26.79 1.51
CA ASP A 108 13.94 -28.24 1.72
C ASP A 108 14.78 -28.89 0.63
N ASP A 109 15.24 -28.13 -0.35
CA ASP A 109 16.08 -28.58 -1.45
C ASP A 109 17.15 -27.53 -1.67
N PHE A 110 18.26 -27.93 -2.25
CA PHE A 110 19.29 -26.95 -2.60
C PHE A 110 18.94 -26.28 -3.93
N GLY A 111 19.63 -25.18 -4.22
CA GLY A 111 19.54 -24.54 -5.52
C GLY A 111 18.85 -23.19 -5.54
N GLY A 112 18.18 -22.80 -4.47
CA GLY A 112 17.54 -21.49 -4.45
C GLY A 112 16.47 -21.42 -5.52
N HIS A 113 16.60 -20.47 -6.45
CA HIS A 113 15.66 -20.33 -7.57
C HIS A 113 15.82 -21.45 -8.58
N ALA A 114 16.96 -22.15 -8.59
CA ALA A 114 17.20 -23.24 -9.55
C ALA A 114 16.75 -24.56 -8.92
N LYS A 115 15.54 -24.99 -9.27
CA LYS A 115 14.89 -26.15 -8.67
C LYS A 115 14.42 -27.11 -9.76
N ARG A 116 14.58 -28.41 -9.49
CA ARG A 116 14.08 -29.47 -10.38
C ARG A 116 12.67 -29.88 -9.97
N ASN A 117 11.74 -29.92 -10.93
CA ASN A 117 10.39 -30.43 -10.72
C ASN A 117 10.22 -31.72 -11.51
N GLU A 118 9.50 -32.70 -10.93
CA GLU A 118 9.29 -33.97 -11.60
C GLU A 118 7.82 -34.33 -11.64
N PHE A 119 7.40 -34.96 -12.73
CA PHE A 119 6.10 -35.57 -12.88
C PHE A 119 6.27 -37.04 -13.28
N GLN A 120 5.36 -37.88 -12.80
CA GLN A 120 5.33 -39.29 -13.20
C GLN A 120 4.09 -39.48 -14.06
N ALA A 121 4.29 -39.92 -15.29
CA ALA A 121 3.17 -40.05 -16.22
C ALA A 121 3.52 -41.11 -17.26
N GLY A 122 2.60 -42.05 -17.47
CA GLY A 122 2.88 -43.13 -18.39
C GLY A 122 4.04 -44.00 -17.99
N GLY A 123 4.39 -44.03 -16.71
CA GLY A 123 5.55 -44.80 -16.33
C GLY A 123 6.89 -44.16 -16.65
N ARG A 124 6.90 -42.92 -17.14
CA ARG A 124 8.14 -42.21 -17.38
C ARG A 124 8.17 -40.90 -16.60
N THR A 125 9.39 -40.43 -16.34
CA THR A 125 9.58 -39.16 -15.67
C THR A 125 9.47 -38.03 -16.69
N ILE A 126 8.74 -36.98 -16.32
CA ILE A 126 8.70 -35.76 -17.11
C ILE A 126 9.31 -34.66 -16.26
N LEU A 127 10.31 -33.98 -16.80
CA LEU A 127 11.06 -33.00 -16.03
C LEU A 127 10.56 -31.59 -16.33
N GLY A 128 10.56 -30.75 -15.29
CA GLY A 128 10.31 -29.34 -15.44
C GLY A 128 11.31 -28.56 -14.61
N TYR A 129 11.35 -27.25 -14.87
CA TYR A 129 12.20 -26.36 -14.09
C TYR A 129 11.32 -25.53 -13.16
N GLY A 130 11.73 -25.42 -11.90
CA GLY A 130 10.91 -24.69 -10.95
C GLY A 130 11.13 -23.18 -11.00
N GLY A 131 12.30 -22.75 -11.45
CA GLY A 131 12.60 -21.33 -11.48
C GLY A 131 13.61 -20.98 -12.53
N SER A 132 14.84 -20.69 -12.08
CA SER A 132 15.96 -20.32 -12.94
C SER A 132 15.98 -21.21 -14.17
N GLU A 133 15.79 -20.61 -15.35
CA GLU A 133 15.25 -21.33 -16.50
C GLU A 133 16.33 -21.77 -17.50
N SER A 134 17.16 -20.85 -17.98
CA SER A 134 18.14 -21.17 -19.01
C SER A 134 19.39 -20.33 -18.79
N LEU A 135 20.49 -20.77 -19.41
CA LEU A 135 21.69 -19.95 -19.46
C LEU A 135 21.44 -18.82 -20.46
N GLN A 136 21.61 -17.58 -20.02
CA GLN A 136 21.23 -16.44 -20.85
C GLN A 136 22.41 -16.00 -21.68
N SER A 137 22.29 -16.12 -23.00
CA SER A 137 23.28 -15.65 -23.98
C SER A 137 24.71 -15.92 -23.50
N PRO A 138 25.07 -17.18 -23.23
CA PRO A 138 26.31 -17.42 -22.49
C PRO A 138 27.56 -17.12 -23.30
N ASN A 139 27.52 -17.25 -24.63
CA ASN A 139 28.70 -16.93 -25.41
C ASN A 139 29.08 -15.46 -25.23
N ALA A 140 28.06 -14.58 -25.16
CA ALA A 140 28.28 -13.14 -25.05
C ALA A 140 28.40 -12.65 -23.61
N LEU A 141 27.72 -13.28 -22.65
CA LEU A 141 27.59 -12.70 -21.32
C LEU A 141 28.36 -13.44 -20.22
N TYR A 142 28.80 -14.67 -20.45
CA TYR A 142 29.40 -15.41 -19.36
C TYR A 142 30.87 -15.02 -19.23
N SER A 143 31.26 -14.65 -18.02
CA SER A 143 32.60 -14.23 -17.73
C SER A 143 33.55 -15.40 -17.88
N GLU A 144 34.84 -15.09 -17.83
CA GLU A 144 35.87 -16.11 -17.86
C GLU A 144 35.72 -17.10 -16.69
N ASP A 145 35.45 -16.58 -15.50
CA ASP A 145 35.28 -17.47 -14.35
C ASP A 145 34.05 -18.36 -14.51
N ALA A 146 32.93 -17.80 -14.98
CA ALA A 146 31.75 -18.62 -15.16
C ALA A 146 31.99 -19.72 -16.19
N LYS A 147 32.68 -19.37 -17.29
CA LYS A 147 32.99 -20.40 -18.29
C LYS A 147 33.97 -21.43 -17.72
N HIS A 148 34.86 -21.00 -16.82
CA HIS A 148 35.78 -21.94 -16.18
C HIS A 148 35.01 -22.94 -15.31
N LEU A 149 34.03 -22.47 -14.55
CA LEU A 149 33.18 -23.37 -13.77
C LEU A 149 32.46 -24.35 -14.70
N LEU A 150 31.84 -23.83 -15.77
CA LEU A 150 31.14 -24.70 -16.70
C LEU A 150 32.07 -25.77 -17.28
N LYS A 151 33.31 -25.39 -17.62
CA LYS A 151 34.22 -26.39 -18.17
C LYS A 151 34.56 -27.46 -17.14
N ARG A 152 34.87 -27.05 -15.90
CA ARG A 152 35.23 -28.05 -14.90
C ARG A 152 34.05 -28.96 -14.55
N LEU A 153 32.82 -28.49 -14.74
CA LEU A 153 31.67 -29.33 -14.44
C LEU A 153 31.29 -30.19 -15.63
N GLY A 154 31.93 -29.99 -16.77
CA GLY A 154 31.62 -30.74 -17.97
C GLY A 154 30.45 -30.23 -18.76
N VAL A 155 30.14 -28.93 -18.69
CA VAL A 155 29.06 -28.35 -19.48
C VAL A 155 29.66 -27.81 -20.75
N GLU A 156 29.30 -28.42 -21.89
CA GLU A 156 29.77 -27.97 -23.20
C GLU A 156 28.61 -27.24 -23.86
N LEU A 157 28.75 -25.93 -24.09
CA LEU A 157 27.65 -25.14 -24.62
C LEU A 157 27.20 -25.63 -26.00
N LYS A 158 28.16 -26.05 -26.85
CA LYS A 158 27.77 -26.51 -28.19
C LYS A 158 26.87 -27.73 -28.15
N ARG A 159 26.94 -28.53 -27.08
CA ARG A 159 26.05 -29.69 -26.99
C ARG A 159 24.58 -29.29 -27.15
N PHE A 160 24.21 -28.08 -26.72
CA PHE A 160 22.81 -27.65 -26.84
C PHE A 160 22.41 -27.34 -28.28
N GLU A 161 23.36 -27.16 -29.18
CA GLU A 161 22.98 -27.00 -30.59
C GLU A 161 22.34 -28.26 -31.16
N THR A 162 22.53 -29.41 -30.53
CA THR A 162 21.78 -30.62 -30.92
C THR A 162 20.79 -31.08 -29.86
N ALA A 163 21.05 -30.81 -28.57
CA ALA A 163 20.14 -31.25 -27.52
C ALA A 163 18.79 -30.54 -27.60
N PHE A 164 18.81 -29.24 -27.92
CA PHE A 164 17.59 -28.47 -28.05
C PHE A 164 16.93 -28.74 -29.39
N ASP A 165 15.71 -29.28 -29.35
CA ASP A 165 14.98 -29.65 -30.58
C ASP A 165 14.34 -28.40 -31.21
N THR A 166 15.20 -27.60 -31.83
CA THR A 166 14.81 -26.25 -32.24
C THR A 166 13.64 -26.25 -33.22
N ASP A 167 13.54 -27.25 -34.08
CA ASP A 167 12.49 -27.27 -35.10
C ASP A 167 11.32 -28.18 -34.76
N PHE A 168 11.26 -28.71 -33.54
CA PHE A 168 10.19 -29.64 -33.20
C PHE A 168 8.82 -28.99 -33.32
N TYR A 169 8.56 -27.93 -32.52
CA TYR A 169 7.24 -27.29 -32.59
C TYR A 169 7.00 -26.58 -33.92
N PRO A 170 7.94 -25.79 -34.47
CA PRO A 170 7.66 -25.18 -35.77
C PRO A 170 7.42 -26.20 -36.87
N GLY A 171 8.09 -27.35 -36.80
CA GLY A 171 7.91 -28.40 -37.79
C GLY A 171 6.55 -29.07 -37.72
N LEU A 172 5.85 -28.95 -36.59
CA LEU A 172 4.47 -29.39 -36.52
C LEU A 172 3.50 -28.30 -36.96
N GLY A 173 4.01 -27.18 -37.45
CA GLY A 173 3.18 -26.09 -37.87
C GLY A 173 2.65 -25.25 -36.74
N LEU A 174 3.29 -25.29 -35.58
CA LEU A 174 2.75 -24.59 -34.42
C LEU A 174 3.30 -23.16 -34.37
N SER A 175 2.53 -22.27 -33.77
CA SER A 175 2.85 -20.85 -33.75
C SER A 175 2.55 -20.30 -32.35
N ARG A 176 2.96 -19.07 -32.13
CA ARG A 176 2.59 -18.40 -30.89
C ARG A 176 1.30 -17.63 -31.10
N ALA A 177 0.60 -17.41 -29.99
CA ALA A 177 -0.74 -16.87 -30.03
C ALA A 177 -0.91 -15.84 -28.93
N VAL A 178 -1.97 -15.04 -29.05
CA VAL A 178 -2.35 -14.06 -28.04
C VAL A 178 -3.76 -14.41 -27.61
N PHE A 179 -4.00 -14.45 -26.30
CA PHE A 179 -5.31 -14.72 -25.76
C PHE A 179 -5.89 -13.45 -25.18
N PHE A 180 -6.95 -12.95 -25.81
CA PHE A 180 -7.74 -11.84 -25.29
C PHE A 180 -8.89 -12.38 -24.45
N ASP A 181 -9.10 -11.79 -23.28
CA ASP A 181 -10.08 -12.28 -22.32
C ASP A 181 -11.34 -11.42 -22.30
N LYS A 182 -12.47 -12.10 -22.08
CA LYS A 182 -13.78 -11.47 -21.95
C LYS A 182 -13.73 -10.19 -21.13
N ALA A 183 -13.21 -10.30 -19.90
CA ALA A 183 -13.33 -9.22 -18.92
C ALA A 183 -12.73 -7.90 -19.40
N SER A 184 -11.70 -7.96 -20.26
CA SER A 184 -11.03 -6.76 -20.72
C SER A 184 -11.34 -6.39 -22.16
N PHE A 185 -11.73 -7.35 -23.00
CA PHE A 185 -11.90 -7.10 -24.42
C PHE A 185 -13.30 -7.47 -24.92
N GLY A 186 -14.22 -7.82 -24.03
CA GLY A 186 -15.58 -8.14 -24.42
C GLY A 186 -15.81 -9.59 -24.82
N VAL A 187 -14.79 -10.26 -25.36
CA VAL A 187 -14.91 -11.63 -25.83
C VAL A 187 -13.61 -12.38 -25.54
N ASP A 188 -13.73 -13.70 -25.34
CA ASP A 188 -12.57 -14.59 -25.37
C ASP A 188 -12.17 -14.84 -26.82
N LYS A 189 -10.88 -14.65 -27.14
CA LYS A 189 -10.43 -14.93 -28.49
C LYS A 189 -8.94 -15.23 -28.49
N LEU A 190 -8.58 -16.36 -29.07
CA LEU A 190 -7.20 -16.77 -29.28
C LEU A 190 -6.82 -16.39 -30.70
N VAL A 191 -5.72 -15.67 -30.85
CA VAL A 191 -5.26 -15.21 -32.16
C VAL A 191 -3.85 -15.72 -32.36
N SER A 192 -3.66 -16.65 -33.31
CA SER A 192 -2.37 -17.29 -33.57
C SER A 192 -1.62 -16.61 -34.72
N GLY A 193 -0.36 -17.02 -34.89
CA GLY A 193 0.48 -16.46 -35.92
C GLY A 193 1.24 -15.22 -35.51
N ASP A 194 1.53 -15.08 -34.22
CA ASP A 194 2.09 -13.85 -33.68
C ASP A 194 3.53 -13.67 -34.17
N PRO A 195 3.84 -12.62 -34.93
CA PRO A 195 5.21 -12.39 -35.40
C PRO A 195 6.09 -11.59 -34.44
N THR A 196 5.60 -11.25 -33.26
CA THR A 196 6.31 -10.47 -32.26
C THR A 196 7.63 -11.11 -31.86
N PRO A 197 8.76 -10.50 -32.20
CA PRO A 197 10.04 -11.04 -31.73
C PRO A 197 10.23 -10.71 -30.25
N MET A 198 10.70 -11.70 -29.50
CA MET A 198 10.89 -11.51 -28.08
C MET A 198 12.37 -11.61 -27.72
N VAL A 199 12.69 -11.13 -26.53
CA VAL A 199 14.09 -10.93 -26.18
C VAL A 199 14.83 -12.26 -26.09
N ALA A 200 14.24 -13.24 -25.42
CA ALA A 200 14.92 -14.51 -25.17
C ALA A 200 14.24 -15.60 -26.00
N ASP A 201 14.38 -15.50 -27.32
CA ASP A 201 13.59 -16.29 -28.26
C ASP A 201 14.33 -17.56 -28.66
N GLU A 202 13.68 -18.71 -28.44
CA GLU A 202 14.23 -20.01 -28.87
C GLU A 202 13.80 -20.41 -30.27
N VAL A 203 12.91 -19.66 -30.91
CA VAL A 203 12.39 -20.00 -32.24
C VAL A 203 13.15 -19.15 -33.26
N PRO A 204 13.82 -19.75 -34.24
CA PRO A 204 14.39 -18.94 -35.32
C PRO A 204 13.30 -18.13 -36.00
N ARG A 205 13.67 -16.92 -36.41
CA ARG A 205 12.70 -15.98 -36.97
C ARG A 205 11.95 -16.59 -38.15
N ASP A 206 12.68 -17.25 -39.06
CA ASP A 206 12.09 -17.85 -40.25
C ASP A 206 11.20 -19.05 -39.92
N ARG A 207 11.10 -19.44 -38.65
CA ARG A 207 10.29 -20.56 -38.22
C ARG A 207 9.21 -20.15 -37.21
N LEU A 208 8.80 -18.88 -37.21
CA LEU A 208 7.71 -18.45 -36.34
C LEU A 208 6.33 -18.87 -36.83
N ASN A 209 6.21 -19.35 -38.07
CA ASN A 209 4.89 -19.69 -38.63
C ASN A 209 3.89 -18.56 -38.37
N ALA A 210 4.36 -17.33 -38.55
CA ALA A 210 3.58 -16.16 -38.22
C ALA A 210 2.88 -15.60 -39.46
N ARG A 211 1.97 -14.66 -39.20
CA ARG A 211 1.22 -13.94 -40.22
C ARG A 211 1.71 -12.50 -40.28
N SER A 212 1.28 -11.78 -41.31
CA SER A 212 1.63 -10.37 -41.42
C SER A 212 1.03 -9.59 -40.26
N TRP A 213 1.60 -8.42 -39.98
CA TRP A 213 1.05 -7.59 -38.92
C TRP A 213 -0.39 -7.21 -39.21
N ARG A 214 -0.69 -6.88 -40.47
CA ARG A 214 -2.08 -6.52 -40.82
C ARG A 214 -3.03 -7.70 -40.61
N ALA A 215 -2.63 -8.89 -41.07
CA ALA A 215 -3.47 -10.07 -40.89
C ALA A 215 -3.61 -10.43 -39.42
N PHE A 216 -2.48 -10.46 -38.70
CA PHE A 216 -2.49 -10.79 -37.28
C PHE A 216 -3.34 -9.79 -36.49
N ILE A 217 -2.97 -8.51 -36.54
CA ILE A 217 -3.69 -7.48 -35.79
C ILE A 217 -5.14 -7.35 -36.23
N GLY A 218 -5.41 -7.56 -37.52
CA GLY A 218 -6.77 -7.57 -38.03
C GLY A 218 -7.75 -8.47 -37.30
N ASP A 219 -7.25 -9.52 -36.65
CA ASP A 219 -8.11 -10.41 -35.89
C ASP A 219 -8.25 -9.99 -34.43
N PHE A 220 -7.57 -8.94 -33.99
CA PHE A 220 -7.68 -8.53 -32.60
C PHE A 220 -9.12 -8.12 -32.29
N PRO A 221 -9.66 -8.49 -31.13
CA PRO A 221 -11.02 -8.03 -30.78
C PRO A 221 -10.98 -6.60 -30.24
N LEU A 222 -10.56 -5.68 -31.10
CA LEU A 222 -10.53 -4.25 -30.83
C LEU A 222 -11.32 -3.51 -31.90
N SER A 223 -11.59 -2.24 -31.64
CA SER A 223 -12.28 -1.41 -32.62
C SER A 223 -11.43 -1.29 -33.89
N ARG A 224 -12.11 -0.96 -35.00
CA ARG A 224 -11.40 -0.77 -36.26
C ARG A 224 -10.36 0.33 -36.13
N GLU A 225 -10.71 1.41 -35.43
CA GLU A 225 -9.74 2.48 -35.20
C GLU A 225 -8.53 1.96 -34.43
N ASP A 226 -8.78 1.20 -33.36
CA ASP A 226 -7.69 0.67 -32.55
C ASP A 226 -6.78 -0.22 -33.40
N ARG A 227 -7.37 -1.09 -34.21
CA ARG A 227 -6.58 -1.99 -35.05
C ARG A 227 -5.76 -1.21 -36.07
N GLU A 228 -6.32 -0.14 -36.65
CA GLU A 228 -5.56 0.60 -37.66
C GLU A 228 -4.44 1.39 -37.03
N ALA A 229 -4.57 1.82 -35.77
CA ALA A 229 -3.45 2.49 -35.10
C ALA A 229 -2.35 1.50 -34.76
N LEU A 230 -2.72 0.30 -34.29
CA LEU A 230 -1.72 -0.74 -34.04
C LEU A 230 -0.99 -1.14 -35.33
N ILE A 231 -1.73 -1.35 -36.42
CA ILE A 231 -1.08 -1.71 -37.68
C ILE A 231 -0.16 -0.59 -38.15
N ALA A 232 -0.59 0.67 -38.01
CA ALA A 232 0.25 1.79 -38.42
C ALA A 232 1.54 1.84 -37.59
N LEU A 233 1.43 1.49 -36.31
CA LEU A 233 2.62 1.38 -35.45
C LEU A 233 3.71 0.57 -36.12
N TYR A 234 3.33 -0.51 -36.83
CA TYR A 234 4.28 -1.40 -37.49
C TYR A 234 4.51 -1.04 -38.95
N GLU A 235 3.51 -0.51 -39.66
CA GLU A 235 3.66 -0.24 -41.08
C GLU A 235 4.09 1.20 -41.38
N SER A 236 3.76 2.16 -40.52
CA SER A 236 4.07 3.58 -40.77
C SER A 236 4.65 4.21 -39.52
N PRO A 237 5.84 3.80 -39.09
CA PRO A 237 6.46 4.47 -37.95
C PRO A 237 6.73 5.93 -38.29
N ARG A 238 6.53 6.81 -37.30
CA ARG A 238 6.83 8.24 -37.42
C ARG A 238 7.71 8.65 -36.25
N ASP A 239 8.39 9.79 -36.39
CA ASP A 239 9.29 10.25 -35.33
C ASP A 239 8.45 10.91 -34.25
N TYR A 240 7.96 10.08 -33.31
CA TYR A 240 7.08 10.58 -32.26
C TYR A 240 7.76 11.56 -31.32
N LEU A 241 9.06 11.74 -31.43
CA LEU A 241 9.79 12.73 -30.64
C LEU A 241 10.48 13.74 -31.54
N ALA A 242 9.86 14.05 -32.68
CA ALA A 242 10.47 14.93 -33.67
C ALA A 242 10.82 16.27 -33.06
N GLY A 243 11.97 16.80 -33.44
CA GLY A 243 12.46 18.04 -32.88
C GLY A 243 13.55 17.83 -31.85
N LYS A 244 13.35 16.84 -30.98
CA LYS A 244 14.36 16.55 -29.96
C LYS A 244 15.62 16.01 -30.59
N SER A 245 16.76 16.39 -30.03
CA SER A 245 18.03 15.78 -30.40
C SER A 245 18.04 14.32 -29.98
N VAL A 246 19.07 13.60 -30.39
CA VAL A 246 19.16 12.19 -30.00
C VAL A 246 19.34 12.08 -28.50
N GLU A 247 20.11 12.99 -27.90
CA GLU A 247 20.34 12.96 -26.45
C GLU A 247 19.06 13.28 -25.69
N GLU A 248 18.31 14.28 -26.13
CA GLU A 248 17.02 14.57 -25.52
C GLU A 248 16.06 13.38 -25.61
N LYS A 249 16.09 12.66 -26.73
CA LYS A 249 15.20 11.50 -26.86
C LYS A 249 15.57 10.43 -25.84
N GLU A 250 16.87 10.13 -25.72
CA GLU A 250 17.34 9.16 -24.74
C GLU A 250 16.98 9.59 -23.33
N THR A 251 17.10 10.89 -23.02
CA THR A 251 16.72 11.34 -21.69
C THR A 251 15.24 11.16 -21.45
N TYR A 252 14.42 11.58 -22.43
CA TYR A 252 12.97 11.44 -22.31
C TYR A 252 12.56 9.99 -22.13
N LEU A 253 13.15 9.10 -22.93
CA LEU A 253 12.72 7.70 -22.89
C LEU A 253 13.15 7.00 -21.60
N ALA A 254 14.23 7.48 -20.97
CA ALA A 254 14.64 6.89 -19.70
C ALA A 254 13.69 7.25 -18.56
N LYS A 255 13.09 8.43 -18.60
CA LYS A 255 12.21 8.88 -17.54
C LYS A 255 10.73 8.72 -17.88
N THR A 256 10.39 8.16 -19.03
CA THR A 256 9.01 7.93 -19.44
C THR A 256 8.76 6.43 -19.55
N SER A 257 7.67 5.96 -18.92
CA SER A 257 7.31 4.54 -19.02
C SER A 257 6.91 4.19 -20.45
N TYR A 258 7.07 2.91 -20.79
CA TYR A 258 6.68 2.45 -22.12
C TYR A 258 5.20 2.71 -22.38
N ARG A 259 4.37 2.52 -21.35
CA ARG A 259 2.94 2.76 -21.50
C ARG A 259 2.64 4.24 -21.73
N ASP A 260 3.29 5.14 -21.00
CA ASP A 260 3.02 6.56 -21.24
C ASP A 260 3.51 7.00 -22.62
N TYR A 261 4.64 6.45 -23.07
CA TYR A 261 5.13 6.73 -24.41
C TYR A 261 4.14 6.30 -25.48
N LEU A 262 3.60 5.09 -25.37
CA LEU A 262 2.56 4.67 -26.29
C LEU A 262 1.33 5.58 -26.20
N LEU A 263 0.92 5.93 -24.98
CA LEU A 263 -0.28 6.75 -24.79
C LEU A 263 -0.06 8.17 -25.27
N LYS A 264 0.98 8.84 -24.77
CA LYS A 264 1.15 10.27 -25.00
C LYS A 264 1.84 10.58 -26.33
N ASN A 265 2.81 9.77 -26.73
CA ASN A 265 3.60 10.09 -27.92
C ASN A 265 3.16 9.32 -29.16
N VAL A 266 2.96 8.01 -29.05
CA VAL A 266 2.48 7.27 -30.21
C VAL A 266 1.00 7.55 -30.42
N GLY A 267 0.25 7.80 -29.36
CA GLY A 267 -1.14 8.17 -29.46
C GLY A 267 -2.12 7.01 -29.48
N LEU A 268 -1.75 5.86 -28.91
CA LEU A 268 -2.68 4.74 -28.88
C LEU A 268 -3.72 4.97 -27.80
N SER A 269 -4.89 4.38 -28.00
CA SER A 269 -5.94 4.51 -27.01
C SER A 269 -5.59 3.68 -25.78
N GLU A 270 -6.29 3.97 -24.69
CA GLU A 270 -6.14 3.17 -23.47
C GLU A 270 -6.49 1.71 -23.71
N THR A 271 -7.45 1.42 -24.60
CA THR A 271 -7.76 0.02 -24.85
C THR A 271 -6.65 -0.65 -25.65
N SER A 272 -6.08 0.06 -26.61
CA SER A 272 -5.04 -0.55 -27.45
C SER A 272 -3.80 -0.90 -26.65
N VAL A 273 -3.41 -0.05 -25.70
CA VAL A 273 -2.20 -0.34 -24.97
C VAL A 273 -2.36 -1.51 -24.02
N LYS A 274 -3.59 -1.92 -23.72
CA LYS A 274 -3.73 -3.11 -22.87
C LYS A 274 -3.13 -4.33 -23.53
N TYR A 275 -3.07 -4.36 -24.86
CA TYR A 275 -2.37 -5.43 -25.57
C TYR A 275 -0.90 -5.53 -25.14
N PHE A 276 -0.28 -4.40 -24.78
CA PHE A 276 1.13 -4.38 -24.38
C PHE A 276 1.34 -4.48 -22.87
N GLN A 277 0.28 -4.55 -22.07
CA GLN A 277 0.43 -4.39 -20.62
C GLN A 277 1.34 -5.45 -20.02
N GLY A 278 1.05 -6.71 -20.32
CA GLY A 278 1.71 -7.82 -19.68
C GLY A 278 2.88 -8.43 -20.43
N ARG A 279 3.23 -7.90 -21.61
CA ARG A 279 4.23 -8.58 -22.44
C ARG A 279 5.55 -8.71 -21.70
N SER A 280 5.93 -7.70 -20.92
CA SER A 280 7.20 -7.71 -20.22
C SER A 280 7.16 -8.41 -18.88
N ASN A 281 5.98 -8.86 -18.41
CA ASN A 281 5.85 -9.45 -17.07
C ASN A 281 6.83 -10.60 -16.86
N ALA A 282 6.84 -11.55 -17.80
CA ALA A 282 7.62 -12.77 -17.59
C ALA A 282 9.10 -12.46 -17.49
N PHE A 283 9.63 -11.63 -18.40
CA PHE A 283 11.07 -11.43 -18.43
C PHE A 283 11.55 -10.44 -17.39
N SER A 284 10.74 -9.44 -17.05
CA SER A 284 11.21 -8.38 -16.18
C SER A 284 10.46 -8.30 -14.86
N ALA A 285 9.38 -9.08 -14.68
CA ALA A 285 8.54 -9.09 -13.48
C ALA A 285 7.83 -7.77 -13.25
N LEU A 286 7.72 -6.94 -14.29
CA LEU A 286 6.97 -5.71 -14.28
C LEU A 286 6.26 -5.50 -15.61
N GLY A 287 5.17 -4.74 -15.59
CA GLY A 287 4.42 -4.44 -16.79
C GLY A 287 4.93 -3.20 -17.50
N ALA A 288 4.24 -2.84 -18.58
CA ALA A 288 4.70 -1.71 -19.41
C ALA A 288 4.58 -0.38 -18.70
N ASP A 289 3.73 -0.28 -17.67
CA ASP A 289 3.62 0.92 -16.86
C ASP A 289 4.83 1.14 -15.98
N ALA A 290 5.65 0.10 -15.77
CA ALA A 290 6.73 0.20 -14.81
C ALA A 290 8.08 0.05 -15.46
N LEU A 291 8.14 -0.08 -16.78
CA LEU A 291 9.41 -0.19 -17.49
C LEU A 291 9.67 1.06 -18.29
N PRO A 292 10.85 1.67 -18.14
CA PRO A 292 11.17 2.84 -18.96
C PRO A 292 11.07 2.50 -20.44
N ALA A 293 10.61 3.49 -21.21
CA ALA A 293 10.51 3.26 -22.65
C ALA A 293 11.86 2.91 -23.24
N ALA A 294 12.96 3.46 -22.69
CA ALA A 294 14.30 3.10 -23.18
C ALA A 294 14.57 1.60 -23.02
N ASP A 295 14.03 0.98 -21.97
CA ASP A 295 14.24 -0.45 -21.76
C ASP A 295 13.36 -1.29 -22.69
N ALA A 296 12.13 -0.84 -22.96
CA ALA A 296 11.34 -1.44 -24.03
C ALA A 296 12.07 -1.38 -25.36
N TYR A 297 12.68 -0.24 -25.67
CA TYR A 297 13.43 -0.12 -26.92
C TYR A 297 14.55 -1.15 -26.98
N ALA A 298 15.33 -1.25 -25.90
CA ALA A 298 16.43 -2.20 -25.85
C ALA A 298 15.95 -3.63 -26.00
N ALA A 299 14.74 -3.92 -25.54
CA ALA A 299 14.19 -5.26 -25.65
C ALA A 299 13.40 -5.50 -26.94
N GLY A 300 13.48 -4.58 -27.92
CA GLY A 300 12.84 -4.84 -29.19
C GLY A 300 11.35 -4.60 -29.26
N PHE A 301 10.80 -3.83 -28.33
CA PHE A 301 9.38 -3.50 -28.39
C PHE A 301 9.11 -2.51 -29.53
N PRO A 302 7.92 -2.52 -30.11
CA PRO A 302 7.63 -1.64 -31.24
C PRO A 302 7.48 -0.18 -30.82
N GLY A 303 7.65 0.70 -31.80
CA GLY A 303 7.37 2.11 -31.60
C GLY A 303 8.55 3.03 -31.75
N PHE A 304 9.77 2.53 -31.94
CA PHE A 304 10.96 3.36 -31.96
C PHE A 304 11.66 3.41 -33.31
N ASP A 305 11.14 2.70 -34.31
CA ASP A 305 11.87 2.48 -35.56
C ASP A 305 12.22 3.76 -36.30
N ALA A 306 11.43 4.84 -36.12
CA ALA A 306 11.65 6.09 -36.82
C ALA A 306 12.17 7.21 -35.93
N LEU A 307 12.48 6.91 -34.66
CA LEU A 307 13.04 7.92 -33.77
C LEU A 307 14.49 8.27 -34.09
N GLY A 308 15.19 7.44 -34.88
CA GLY A 308 16.60 7.71 -35.16
C GLY A 308 17.55 7.43 -34.01
N LEU A 309 17.22 6.47 -33.14
CA LEU A 309 18.04 6.10 -32.00
C LEU A 309 19.24 5.27 -32.44
N PRO A 310 20.34 5.33 -31.72
CA PRO A 310 21.50 4.48 -32.05
C PRO A 310 21.27 3.02 -31.62
N GLN A 311 22.07 2.14 -32.23
CA GLN A 311 22.04 0.71 -31.94
C GLN A 311 22.10 0.46 -30.43
N PRO A 312 21.33 -0.50 -29.92
CA PRO A 312 21.36 -0.91 -28.51
C PRO A 312 22.77 -1.23 -27.99
N MET A 320 19.73 -10.07 -27.57
CA MET A 320 18.45 -10.42 -28.19
C MET A 320 18.63 -11.41 -29.33
N ASP A 321 19.88 -11.62 -29.76
CA ASP A 321 20.16 -12.37 -30.97
C ASP A 321 20.65 -13.78 -30.71
N GLU A 322 21.31 -14.02 -29.59
CA GLU A 322 21.75 -15.36 -29.27
C GLU A 322 20.54 -16.28 -29.16
N PRO A 323 20.53 -17.42 -29.84
CA PRO A 323 19.41 -18.36 -29.69
C PRO A 323 19.27 -18.81 -28.25
N TYR A 324 18.03 -18.86 -27.79
CA TYR A 324 17.70 -19.20 -26.40
C TYR A 324 17.54 -20.71 -26.25
N ILE A 325 18.67 -21.41 -26.39
CA ILE A 325 18.68 -22.86 -26.50
C ILE A 325 19.46 -23.56 -25.38
N TYR A 326 20.06 -22.81 -24.46
CA TYR A 326 20.94 -23.39 -23.44
C TYR A 326 20.08 -23.76 -22.24
N HIS A 327 19.37 -24.89 -22.39
CA HIS A 327 18.31 -25.25 -21.46
C HIS A 327 18.39 -26.73 -21.16
N PHE A 328 18.84 -27.07 -19.94
CA PHE A 328 18.69 -28.41 -19.40
C PHE A 328 17.19 -28.70 -19.18
N PRO A 329 16.79 -29.99 -19.19
CA PRO A 329 15.36 -30.29 -19.00
C PRO A 329 14.81 -29.84 -17.65
N ASP A 330 15.63 -29.73 -16.60
CA ASP A 330 15.16 -29.14 -15.35
C ASP A 330 15.70 -27.73 -15.15
N GLY A 331 16.01 -27.04 -16.25
CA GLY A 331 16.48 -25.68 -16.15
C GLY A 331 17.86 -25.59 -15.50
N ASN A 332 18.09 -24.46 -14.84
CA ASN A 332 19.40 -24.25 -14.25
C ASN A 332 19.58 -25.02 -12.94
N ALA A 333 18.56 -25.78 -12.51
CA ALA A 333 18.74 -26.74 -11.43
C ALA A 333 19.86 -27.70 -11.75
N SER A 334 20.05 -27.99 -13.05
CA SER A 334 21.16 -28.84 -13.45
C SER A 334 22.51 -28.22 -13.09
N LEU A 335 22.63 -26.90 -13.14
CA LEU A 335 23.88 -26.29 -12.71
C LEU A 335 24.09 -26.52 -11.21
N ALA A 336 23.05 -26.28 -10.41
CA ALA A 336 23.15 -26.55 -8.98
C ALA A 336 23.45 -28.02 -8.71
N ARG A 337 22.75 -28.91 -9.42
CA ARG A 337 22.99 -30.35 -9.25
C ARG A 337 24.40 -30.73 -9.65
N LEU A 338 24.92 -30.12 -10.73
CA LEU A 338 26.29 -30.41 -11.13
C LEU A 338 27.29 -30.00 -10.05
N MET A 339 27.10 -28.82 -9.46
CA MET A 339 28.02 -28.37 -8.42
C MET A 339 27.92 -29.24 -7.17
N VAL A 340 26.69 -29.57 -6.75
CA VAL A 340 26.52 -30.37 -5.54
C VAL A 340 27.16 -31.73 -5.70
N ARG A 341 26.92 -32.40 -6.83
CA ARG A 341 27.57 -33.68 -7.10
C ARG A 341 29.08 -33.55 -7.12
N ASP A 342 29.59 -32.45 -7.68
CA ASP A 342 31.03 -32.24 -7.69
C ASP A 342 31.58 -31.94 -6.30
N LEU A 343 30.81 -31.22 -5.46
CA LEU A 343 31.28 -30.91 -4.13
C LEU A 343 31.07 -32.05 -3.14
N ILE A 344 30.03 -32.85 -3.34
CA ILE A 344 29.69 -33.94 -2.42
C ILE A 344 29.52 -35.19 -3.28
N PRO A 345 30.62 -35.83 -3.69
CA PRO A 345 30.51 -36.93 -4.66
C PRO A 345 29.62 -38.08 -4.18
N ALA A 346 29.42 -38.24 -2.88
CA ALA A 346 28.58 -39.34 -2.40
C ALA A 346 27.10 -39.18 -2.77
N VAL A 347 26.63 -37.96 -3.08
CA VAL A 347 25.21 -37.75 -3.29
C VAL A 347 24.71 -38.41 -4.58
N ALA A 348 25.60 -38.63 -5.56
CA ALA A 348 25.18 -39.13 -6.87
C ALA A 348 26.37 -39.56 -7.71
N PRO A 349 26.23 -40.61 -8.52
CA PRO A 349 27.33 -41.03 -9.39
C PRO A 349 27.34 -40.23 -10.69
N GLY A 350 28.43 -40.39 -11.43
CA GLY A 350 28.57 -39.83 -12.75
C GLY A 350 29.36 -38.53 -12.78
N ARG A 351 29.67 -38.13 -14.00
CA ARG A 351 30.34 -36.86 -14.27
C ARG A 351 29.91 -36.40 -15.66
N GLY A 352 29.88 -35.08 -15.85
CA GLY A 352 29.51 -34.48 -17.10
C GLY A 352 28.04 -34.11 -17.18
N MET A 353 27.71 -33.35 -18.23
CA MET A 353 26.36 -32.79 -18.37
C MET A 353 25.33 -33.82 -18.77
N GLU A 354 25.73 -34.93 -19.39
CA GLU A 354 24.73 -35.87 -19.88
C GLU A 354 24.13 -36.69 -18.74
N ASP A 355 24.97 -37.34 -17.93
CA ASP A 355 24.37 -38.23 -16.93
C ASP A 355 23.80 -37.48 -15.72
N ILE A 356 24.00 -36.16 -15.60
CA ILE A 356 23.40 -35.47 -14.46
C ILE A 356 21.88 -35.43 -14.59
N VAL A 357 21.35 -35.46 -15.82
CA VAL A 357 19.94 -35.17 -16.06
C VAL A 357 19.05 -36.17 -15.33
N MET A 358 19.43 -37.45 -15.36
CA MET A 358 18.65 -38.50 -14.73
C MET A 358 19.41 -39.13 -13.57
N ALA A 359 20.47 -38.49 -13.09
CA ALA A 359 21.19 -39.03 -11.96
C ALA A 359 20.29 -39.04 -10.73
N ARG A 360 20.39 -40.09 -9.94
CA ARG A 360 19.63 -40.22 -8.71
C ARG A 360 20.42 -39.56 -7.58
N PHE A 361 19.84 -38.53 -6.98
CA PHE A 361 20.48 -37.82 -5.88
C PHE A 361 20.01 -38.41 -4.55
N ASP A 362 20.97 -38.81 -3.71
CA ASP A 362 20.69 -39.37 -2.39
C ASP A 362 20.87 -38.26 -1.36
N TYR A 363 19.75 -37.64 -0.96
CA TYR A 363 19.80 -36.48 -0.08
C TYR A 363 20.34 -36.80 1.31
N SER A 364 20.34 -38.07 1.73
CA SER A 364 20.88 -38.42 3.04
C SER A 364 22.39 -38.30 3.11
N LYS A 365 23.07 -38.18 1.96
CA LYS A 365 24.52 -37.99 1.92
C LYS A 365 24.93 -36.52 1.89
N LEU A 366 23.98 -35.59 1.98
CA LEU A 366 24.31 -34.18 1.80
C LEU A 366 25.08 -33.60 2.98
N ASP A 367 24.83 -34.09 4.19
CA ASP A 367 25.27 -33.43 5.42
C ASP A 367 25.91 -34.43 6.38
N LEU A 368 26.87 -35.21 5.91
CA LEU A 368 27.48 -36.24 6.74
C LEU A 368 28.71 -35.67 7.46
N ALA A 369 28.81 -35.94 8.75
CA ALA A 369 29.94 -35.40 9.51
C ALA A 369 31.26 -35.97 9.01
N GLY A 370 32.29 -35.15 8.99
CA GLY A 370 33.57 -35.59 8.50
C GLY A 370 33.78 -35.35 7.01
N HIS A 371 32.75 -35.60 6.19
CA HIS A 371 32.75 -35.13 4.81
C HIS A 371 33.16 -33.65 4.80
N PRO A 372 34.13 -33.26 3.96
CA PRO A 372 34.62 -31.87 4.01
C PRO A 372 33.57 -30.83 3.61
N VAL A 373 32.67 -31.15 2.69
CA VAL A 373 31.59 -30.24 2.29
C VAL A 373 30.27 -30.81 2.81
N ARG A 374 29.54 -29.99 3.56
CA ARG A 374 28.23 -30.39 4.10
C ARG A 374 27.19 -29.36 3.67
N LEU A 375 26.06 -29.84 3.15
CA LEU A 375 24.95 -28.96 2.76
C LEU A 375 23.78 -29.24 3.71
N ARG A 376 23.43 -28.25 4.50
CA ARG A 376 22.47 -28.43 5.60
C ARG A 376 21.13 -27.82 5.21
N LEU A 377 20.17 -28.65 4.82
CA LEU A 377 18.90 -28.12 4.36
C LEU A 377 17.99 -27.75 5.53
N ASN A 378 16.85 -27.10 5.19
CA ASN A 378 15.82 -26.75 6.18
C ASN A 378 16.37 -25.93 7.35
N SER A 379 17.32 -25.03 7.06
CA SER A 379 18.05 -24.35 8.12
C SER A 379 18.11 -22.86 7.81
N THR A 380 17.60 -22.04 8.73
CA THR A 380 17.59 -20.59 8.60
C THR A 380 18.71 -19.99 9.43
N ALA A 381 19.71 -19.39 8.78
CA ALA A 381 20.70 -18.61 9.49
C ALA A 381 20.02 -17.42 10.17
N VAL A 382 20.38 -17.18 11.43
CA VAL A 382 19.79 -16.11 12.23
C VAL A 382 20.81 -15.13 12.75
N SER A 383 22.11 -15.44 12.72
CA SER A 383 23.13 -14.58 13.30
C SER A 383 24.48 -14.85 12.65
N VAL A 384 25.21 -13.79 12.33
CA VAL A 384 26.57 -13.85 11.80
C VAL A 384 27.37 -12.75 12.47
N ARG A 385 28.53 -13.11 13.03
CA ARG A 385 29.31 -12.18 13.84
C ARG A 385 30.80 -12.50 13.72
N ASN A 386 31.58 -11.48 13.37
CA ASN A 386 33.03 -11.56 13.45
C ASN A 386 33.45 -11.70 14.91
N ARG A 387 34.37 -12.62 15.19
CA ARG A 387 34.92 -12.74 16.52
C ARG A 387 36.23 -13.51 16.46
N ALA A 388 37.26 -12.97 17.12
CA ALA A 388 38.54 -13.66 17.32
C ALA A 388 39.10 -14.18 15.99
N GLY A 389 39.11 -13.30 14.99
CA GLY A 389 39.63 -13.64 13.68
C GLY A 389 38.80 -14.63 12.91
N GLY A 390 37.56 -14.86 13.32
CA GLY A 390 36.70 -15.83 12.66
C GLY A 390 35.26 -15.37 12.65
N VAL A 391 34.33 -16.25 12.30
CA VAL A 391 32.92 -15.89 12.19
C VAL A 391 32.09 -16.92 12.93
N ASP A 392 31.25 -16.46 13.83
CA ASP A 392 30.26 -17.31 14.49
C ASP A 392 28.95 -17.19 13.73
N VAL A 393 28.33 -18.33 13.43
CA VAL A 393 27.06 -18.38 12.70
C VAL A 393 26.03 -19.15 13.52
N GLY A 394 24.88 -18.55 13.73
CA GLY A 394 23.76 -19.21 14.36
C GLY A 394 22.71 -19.51 13.29
N TYR A 395 22.05 -20.66 13.44
CA TYR A 395 20.98 -21.04 12.53
C TYR A 395 19.90 -21.79 13.32
N SER A 396 18.70 -21.80 12.74
CA SER A 396 17.54 -22.46 13.35
C SER A 396 17.11 -23.59 12.43
N ARG A 397 16.91 -24.77 13.00
CA ARG A 397 16.45 -25.95 12.26
C ARG A 397 15.47 -26.73 13.12
N ALA A 398 14.28 -27.01 12.59
CA ALA A 398 13.25 -27.75 13.31
C ALA A 398 12.93 -27.10 14.65
N GLY A 399 12.94 -25.76 14.67
CA GLY A 399 12.63 -24.98 15.86
C GLY A 399 13.75 -24.79 16.86
N ARG A 400 14.95 -25.34 16.64
CA ARG A 400 16.03 -25.28 17.62
C ARG A 400 17.22 -24.46 17.09
N LEU A 401 17.86 -23.71 17.98
CA LEU A 401 19.01 -22.90 17.61
C LEU A 401 20.29 -23.72 17.66
N HIS A 402 21.25 -23.33 16.81
CA HIS A 402 22.54 -24.01 16.71
C HIS A 402 23.61 -22.96 16.43
N ARG A 403 24.82 -23.27 16.88
CA ARG A 403 25.93 -22.34 16.70
C ARG A 403 27.09 -23.10 16.09
N VAL A 404 27.61 -22.57 14.97
CA VAL A 404 28.81 -23.10 14.35
C VAL A 404 29.78 -21.96 14.12
N ARG A 405 30.98 -22.31 13.64
CA ARG A 405 32.07 -21.37 13.53
C ARG A 405 32.83 -21.61 12.23
N GLY A 406 33.15 -20.53 11.53
CA GLY A 406 33.97 -20.61 10.35
C GLY A 406 35.15 -19.68 10.52
N LYS A 407 36.22 -19.98 9.77
CA LYS A 407 37.24 -18.97 9.55
C LYS A 407 36.68 -17.81 8.73
N HIS A 408 35.94 -18.14 7.66
CA HIS A 408 35.34 -17.18 6.75
C HIS A 408 33.86 -17.50 6.59
N CYS A 409 33.13 -16.49 6.15
CA CYS A 409 31.71 -16.62 5.82
C CYS A 409 31.42 -15.89 4.52
N VAL A 410 30.57 -16.50 3.69
CA VAL A 410 30.03 -15.83 2.50
C VAL A 410 28.51 -15.82 2.67
N MET A 411 27.92 -14.63 2.67
CA MET A 411 26.48 -14.53 2.78
C MET A 411 25.95 -14.49 1.37
N ALA A 412 25.45 -15.65 0.92
CA ALA A 412 24.90 -15.80 -0.41
C ALA A 412 23.38 -15.87 -0.38
N CYS A 413 22.75 -15.36 0.66
CA CYS A 413 21.31 -15.36 0.75
C CYS A 413 20.78 -14.05 0.16
N TYR A 414 19.45 -13.90 0.16
CA TYR A 414 18.82 -12.64 -0.23
C TYR A 414 19.46 -11.48 0.51
N ASN A 415 19.87 -10.46 -0.25
CA ASN A 415 20.60 -9.36 0.39
C ASN A 415 19.74 -8.64 1.43
N MET A 416 18.42 -8.52 1.19
CA MET A 416 17.52 -7.93 2.17
C MET A 416 17.49 -8.71 3.48
N MET A 417 17.88 -9.99 3.44
CA MET A 417 17.96 -10.78 4.65
C MET A 417 19.20 -10.46 5.47
N VAL A 418 20.26 -9.94 4.84
CA VAL A 418 21.56 -9.82 5.54
C VAL A 418 21.48 -8.94 6.77
N PRO A 419 20.80 -7.78 6.77
CA PRO A 419 20.83 -6.94 7.98
C PRO A 419 20.25 -7.62 9.20
N TYR A 420 19.35 -8.59 9.00
CA TYR A 420 18.77 -9.33 10.11
C TYR A 420 19.73 -10.36 10.66
N LEU A 421 20.80 -10.69 9.93
CA LEU A 421 21.78 -11.70 10.30
C LEU A 421 23.09 -11.10 10.78
N LEU A 422 23.65 -10.20 10.00
CA LEU A 422 25.03 -9.74 10.16
C LEU A 422 25.05 -8.65 11.22
N ARG A 423 25.45 -9.03 12.44
CA ARG A 423 25.40 -8.13 13.58
C ARG A 423 26.42 -6.99 13.48
N ASP A 424 27.40 -7.07 12.59
CA ASP A 424 28.45 -6.06 12.52
C ASP A 424 28.16 -4.93 11.54
N LEU A 425 27.00 -4.92 10.90
CA LEU A 425 26.76 -3.92 9.86
C LEU A 425 26.58 -2.52 10.45
N SER A 426 27.20 -1.54 9.81
CA SER A 426 26.85 -0.15 10.02
C SER A 426 25.40 0.07 9.59
N GLU A 427 24.79 1.13 10.15
CA GLU A 427 23.43 1.47 9.76
C GLU A 427 23.36 1.83 8.28
N GLU A 428 24.39 2.49 7.75
CA GLU A 428 24.42 2.87 6.34
C GLU A 428 24.41 1.64 5.44
N GLN A 429 25.24 0.64 5.76
CA GLN A 429 25.31 -0.53 4.90
C GLN A 429 24.05 -1.38 5.02
N ALA A 430 23.49 -1.48 6.23
CA ALA A 430 22.25 -2.24 6.39
C ALA A 430 21.12 -1.61 5.59
N HIS A 431 21.05 -0.28 5.55
CA HIS A 431 20.03 0.40 4.76
C HIS A 431 20.19 0.10 3.27
N ALA A 432 21.43 0.06 2.79
CA ALA A 432 21.66 -0.21 1.39
C ALA A 432 21.19 -1.62 1.02
N LEU A 433 21.56 -2.61 1.83
CA LEU A 433 21.15 -3.99 1.57
C LEU A 433 19.63 -4.09 1.50
N SER A 434 18.94 -3.39 2.40
CA SER A 434 17.48 -3.42 2.42
C SER A 434 16.87 -2.76 1.19
N GLN A 435 17.63 -1.95 0.47
CA GLN A 435 17.07 -1.31 -0.72
C GLN A 435 16.94 -2.26 -1.90
N ASN A 436 17.51 -3.47 -1.82
CA ASN A 436 17.33 -4.46 -2.89
C ASN A 436 16.01 -5.19 -2.62
N VAL A 437 14.93 -4.64 -3.15
CA VAL A 437 13.61 -5.23 -3.03
C VAL A 437 13.41 -6.18 -4.22
N LYS A 438 13.32 -7.48 -3.93
CA LYS A 438 13.23 -8.48 -4.99
C LYS A 438 11.81 -8.53 -5.53
N PHE A 439 11.67 -9.14 -6.79
CA PHE A 439 10.38 -9.15 -7.48
C PHE A 439 9.70 -10.50 -7.31
N PRO A 440 8.43 -10.55 -6.92
CA PRO A 440 7.72 -11.85 -6.84
C PRO A 440 7.30 -12.36 -8.22
N LEU A 441 7.42 -13.68 -8.39
CA LEU A 441 6.93 -14.37 -9.58
C LEU A 441 6.50 -15.78 -9.20
N VAL A 442 5.59 -16.34 -9.99
CA VAL A 442 5.14 -17.72 -9.82
C VAL A 442 5.40 -18.44 -11.14
N TYR A 443 6.16 -19.54 -11.08
CA TYR A 443 6.35 -20.46 -12.20
C TYR A 443 5.52 -21.72 -11.92
N THR A 444 4.51 -21.96 -12.74
CA THR A 444 3.62 -23.09 -12.53
C THR A 444 3.84 -24.17 -13.59
N LYS A 445 4.01 -25.42 -13.16
CA LYS A 445 4.14 -26.56 -14.06
C LYS A 445 2.83 -27.34 -14.04
N VAL A 446 2.28 -27.65 -15.21
CA VAL A 446 1.03 -28.38 -15.29
C VAL A 446 1.27 -29.62 -16.16
N LEU A 447 0.87 -30.78 -15.65
CA LEU A 447 1.00 -32.02 -16.41
C LEU A 447 -0.31 -32.25 -17.16
N LEU A 448 -0.24 -32.28 -18.48
CA LEU A 448 -1.42 -32.56 -19.29
C LEU A 448 -1.43 -34.03 -19.69
N ARG A 449 -2.62 -34.61 -19.68
CA ARG A 449 -2.79 -35.99 -20.14
C ARG A 449 -2.37 -36.15 -21.60
N ASN A 450 -2.59 -35.13 -22.41
CA ASN A 450 -2.21 -35.09 -23.82
C ASN A 450 -2.18 -33.62 -24.21
N TRP A 451 -1.69 -33.32 -25.40
CA TRP A 451 -1.74 -31.95 -25.88
C TRP A 451 -2.41 -31.85 -27.24
N GLN A 452 -3.43 -32.67 -27.45
CA GLN A 452 -4.16 -32.59 -28.71
C GLN A 452 -4.81 -31.23 -28.88
N ALA A 453 -5.31 -30.63 -27.79
CA ALA A 453 -5.93 -29.31 -27.90
C ALA A 453 -4.94 -28.29 -28.42
N TRP A 454 -3.67 -28.37 -27.99
CA TRP A 454 -2.64 -27.49 -28.53
C TRP A 454 -2.43 -27.74 -30.03
N LYS A 455 -2.36 -29.01 -30.43
CA LYS A 455 -2.20 -29.31 -31.84
C LYS A 455 -3.37 -28.76 -32.66
N THR A 456 -4.59 -29.03 -32.18
CA THR A 456 -5.77 -28.55 -32.90
C THR A 456 -5.75 -27.04 -33.07
N LEU A 457 -5.36 -26.30 -32.04
CA LEU A 457 -5.33 -24.85 -32.16
C LEU A 457 -4.09 -24.32 -32.86
N GLY A 458 -3.16 -25.19 -33.25
CA GLY A 458 -1.96 -24.73 -33.95
C GLY A 458 -0.99 -23.91 -33.13
N ILE A 459 -0.93 -24.12 -31.80
CA ILE A 459 -0.10 -23.28 -30.94
C ILE A 459 0.80 -24.13 -30.04
N HIS A 460 1.96 -23.56 -29.73
CA HIS A 460 2.81 -24.06 -28.64
C HIS A 460 3.03 -23.04 -27.53
N GLU A 461 2.56 -21.80 -27.68
CA GLU A 461 2.78 -20.81 -26.65
C GLU A 461 1.72 -19.72 -26.79
N ILE A 462 1.26 -19.22 -25.64
CA ILE A 462 0.22 -18.20 -25.57
C ILE A 462 0.73 -17.03 -24.74
N TYR A 463 0.51 -15.81 -25.22
CA TYR A 463 0.61 -14.58 -24.44
C TYR A 463 -0.79 -14.13 -24.06
N ALA A 464 -0.99 -13.79 -22.79
CA ALA A 464 -2.28 -13.29 -22.31
C ALA A 464 -2.07 -11.91 -21.67
N PRO A 465 -2.50 -10.84 -22.33
CA PRO A 465 -2.10 -9.49 -21.89
C PRO A 465 -2.65 -9.07 -20.54
N THR A 466 -3.81 -9.59 -20.11
CA THR A 466 -4.47 -9.06 -18.92
C THR A 466 -4.94 -10.16 -17.99
N LEU A 467 -4.39 -11.35 -18.10
CA LEU A 467 -4.73 -12.41 -17.17
C LEU A 467 -3.56 -12.64 -16.20
N PRO A 468 -3.81 -13.28 -15.05
CA PRO A 468 -2.71 -13.56 -14.10
C PRO A 468 -1.53 -14.27 -14.74
N TYR A 469 -1.77 -15.35 -15.49
CA TYR A 469 -0.72 -16.01 -16.25
C TYR A 469 -0.58 -15.33 -17.60
N SER A 470 0.49 -14.55 -17.77
CA SER A 470 0.72 -13.84 -19.03
C SER A 470 1.46 -14.69 -20.05
N ARG A 471 2.12 -15.77 -19.63
CA ARG A 471 2.82 -16.65 -20.55
C ARG A 471 2.44 -18.08 -20.20
N ILE A 472 1.98 -18.84 -21.21
CA ILE A 472 1.63 -20.25 -21.09
C ILE A 472 2.23 -20.97 -22.30
N LYS A 473 2.97 -22.05 -22.08
CA LYS A 473 3.60 -22.66 -23.24
C LYS A 473 3.80 -24.15 -23.00
N LEU A 474 3.84 -24.90 -24.11
CA LEU A 474 4.38 -26.26 -24.04
C LEU A 474 5.86 -26.14 -23.72
N ASP A 475 6.37 -27.07 -22.90
CA ASP A 475 7.74 -26.91 -22.42
C ASP A 475 8.74 -27.04 -23.55
N PHE A 476 9.89 -26.40 -23.37
CA PHE A 476 11.01 -26.54 -24.30
C PHE A 476 11.26 -28.01 -24.60
N PRO A 477 11.43 -28.41 -25.87
CA PRO A 477 11.75 -29.82 -26.17
C PRO A 477 13.24 -30.04 -26.23
N VAL A 478 13.79 -30.65 -25.19
CA VAL A 478 15.21 -30.91 -25.07
C VAL A 478 15.42 -32.40 -24.85
N ASP A 479 16.34 -32.99 -25.61
CA ASP A 479 16.85 -34.33 -25.35
C ASP A 479 18.29 -34.21 -24.88
N LEU A 480 18.57 -34.69 -23.68
CA LEU A 480 19.90 -34.62 -23.10
C LEU A 480 20.08 -35.84 -22.21
N GLY A 481 21.28 -36.39 -22.18
CA GLY A 481 21.46 -37.60 -21.38
C GLY A 481 20.53 -38.70 -21.85
N SER A 482 19.91 -39.39 -20.89
CA SER A 482 18.92 -40.41 -21.19
C SER A 482 17.49 -39.88 -21.26
N TYR A 483 17.29 -38.57 -21.11
CA TYR A 483 15.95 -37.99 -21.10
C TYR A 483 15.53 -37.63 -22.52
N ARG A 484 14.28 -37.90 -22.85
CA ARG A 484 13.70 -37.57 -24.15
C ARG A 484 12.48 -36.70 -23.96
N HIS A 485 12.44 -35.56 -24.66
CA HIS A 485 11.30 -34.70 -24.51
C HIS A 485 10.04 -35.38 -25.08
N PRO A 486 8.88 -35.14 -24.46
CA PRO A 486 7.63 -35.68 -25.01
C PRO A 486 7.42 -35.23 -26.45
N ARG A 487 6.85 -36.13 -27.26
CA ARG A 487 6.75 -35.96 -28.70
C ARG A 487 5.35 -36.22 -29.25
N ASP A 488 4.57 -37.09 -28.57
CA ASP A 488 3.32 -37.59 -29.13
C ASP A 488 2.14 -36.83 -28.54
N PRO A 489 1.40 -36.07 -29.34
CA PRO A 489 0.27 -35.30 -28.78
C PRO A 489 -0.79 -36.15 -28.09
N ARG A 490 -0.86 -37.45 -28.39
CA ARG A 490 -1.76 -38.35 -27.67
C ARG A 490 -1.29 -38.62 -26.26
N GLN A 491 -0.07 -38.23 -25.92
CA GLN A 491 0.51 -38.64 -24.65
C GLN A 491 0.87 -37.44 -23.77
N PRO A 492 1.18 -37.66 -22.49
CA PRO A 492 1.38 -36.53 -21.57
C PRO A 492 2.51 -35.59 -21.95
N ILE A 493 2.37 -34.35 -21.50
CA ILE A 493 3.38 -33.31 -21.73
C ILE A 493 3.31 -32.33 -20.57
N GLY A 494 4.41 -31.62 -20.34
CA GLY A 494 4.44 -30.58 -19.35
C GLY A 494 4.19 -29.22 -19.97
N VAL A 495 3.47 -28.39 -19.24
CA VAL A 495 3.16 -27.01 -19.60
C VAL A 495 3.78 -26.11 -18.55
N HIS A 496 4.31 -24.96 -18.99
CA HIS A 496 4.94 -23.95 -18.15
C HIS A 496 4.12 -22.68 -18.25
N MET A 497 3.84 -22.06 -17.11
CA MET A 497 3.09 -20.81 -17.18
C MET A 497 3.55 -19.89 -16.07
N VAL A 498 3.62 -18.61 -16.38
CA VAL A 498 4.22 -17.60 -15.52
C VAL A 498 3.13 -16.63 -15.09
N TYR A 499 3.07 -16.37 -13.79
CA TYR A 499 2.10 -15.45 -13.19
C TYR A 499 2.85 -14.44 -12.34
N VAL A 500 2.72 -13.16 -12.67
CA VAL A 500 3.39 -12.09 -11.94
C VAL A 500 2.34 -11.20 -11.30
N PRO A 501 2.31 -11.09 -9.97
CA PRO A 501 1.22 -10.35 -9.30
C PRO A 501 1.44 -8.83 -9.30
N THR A 502 1.55 -8.26 -10.50
CA THR A 502 1.75 -6.83 -10.68
C THR A 502 0.50 -6.03 -10.24
N THR A 503 0.70 -4.73 -10.06
CA THR A 503 -0.40 -3.80 -9.80
C THR A 503 -0.25 -2.66 -10.81
N PRO A 504 -0.67 -2.87 -12.04
CA PRO A 504 -0.35 -1.91 -13.10
C PRO A 504 -1.20 -0.65 -12.99
N ASN A 505 -0.61 0.46 -13.47
CA ASN A 505 -1.32 1.71 -13.66
C ASN A 505 -1.78 2.33 -12.35
N ALA A 506 -1.12 2.00 -11.24
CA ALA A 506 -1.56 2.45 -9.93
C ALA A 506 -0.78 3.66 -9.41
N GLY A 507 0.25 4.09 -10.11
CA GLY A 507 1.12 5.14 -9.60
C GLY A 507 2.17 4.67 -8.63
N MET A 508 2.36 3.37 -8.47
CA MET A 508 3.39 2.82 -7.58
C MET A 508 4.76 2.87 -8.24
N ASP A 509 5.80 2.96 -7.41
CA ASP A 509 7.12 2.69 -7.96
C ASP A 509 7.34 1.17 -8.00
N ALA A 510 8.49 0.77 -8.53
CA ALA A 510 8.76 -0.65 -8.74
C ALA A 510 8.92 -1.39 -7.42
N ARG A 511 9.62 -0.80 -6.45
CA ARG A 511 9.76 -1.45 -5.13
C ARG A 511 8.40 -1.69 -4.49
N THR A 512 7.47 -0.75 -4.64
CA THR A 512 6.14 -0.93 -4.05
C THR A 512 5.33 -1.99 -4.79
N GLN A 513 5.37 -2.00 -6.13
CA GLN A 513 4.72 -3.10 -6.85
C GLN A 513 5.25 -4.46 -6.39
N ALA A 514 6.56 -4.54 -6.13
CA ALA A 514 7.14 -5.80 -5.68
C ALA A 514 6.64 -6.19 -4.30
N ARG A 515 6.65 -5.24 -3.35
CA ARG A 515 6.15 -5.52 -2.00
C ARG A 515 4.67 -5.87 -2.00
N VAL A 516 3.87 -5.09 -2.74
CA VAL A 516 2.45 -5.37 -2.82
C VAL A 516 2.20 -6.70 -3.52
N GLY A 517 3.00 -7.02 -4.54
CA GLY A 517 2.87 -8.34 -5.17
C GLY A 517 3.04 -9.48 -4.18
N ARG A 518 3.93 -9.31 -3.20
CA ARG A 518 4.15 -10.33 -2.18
C ARG A 518 2.98 -10.41 -1.21
N SER A 519 2.36 -9.27 -0.87
CA SER A 519 1.20 -9.31 0.01
C SER A 519 0.06 -10.05 -0.65
N LYS A 520 -0.12 -9.84 -1.96
CA LYS A 520 -1.15 -10.58 -2.68
C LYS A 520 -0.90 -12.08 -2.64
N LEU A 521 0.35 -12.50 -2.86
CA LEU A 521 0.65 -13.92 -2.83
C LEU A 521 0.52 -14.48 -1.42
N TYR A 522 0.84 -13.66 -0.41
CA TYR A 522 0.67 -14.12 0.96
C TYR A 522 -0.79 -14.35 1.30
N ALA A 523 -1.70 -13.66 0.63
CA ALA A 523 -3.13 -13.80 0.89
C ALA A 523 -3.75 -14.98 0.16
N MET A 524 -3.03 -15.68 -0.71
CA MET A 524 -3.63 -16.70 -1.56
C MET A 524 -3.31 -18.10 -1.04
N SER A 525 -4.36 -18.89 -0.81
CA SER A 525 -4.21 -20.31 -0.56
C SER A 525 -3.78 -21.05 -1.84
N PHE A 526 -3.26 -22.27 -1.65
CA PHE A 526 -3.01 -23.12 -2.81
C PHE A 526 -4.28 -23.30 -3.63
N GLU A 527 -5.41 -23.54 -2.96
CA GLU A 527 -6.66 -23.76 -3.67
C GLU A 527 -7.00 -22.57 -4.57
N GLN A 528 -6.80 -21.35 -4.06
CA GLN A 528 -6.99 -20.17 -4.90
C GLN A 528 -6.01 -20.17 -6.07
N LEU A 529 -4.73 -20.49 -5.84
CA LEU A 529 -3.79 -20.57 -6.95
C LEU A 529 -4.24 -21.60 -7.97
N GLU A 530 -4.69 -22.77 -7.50
CA GLU A 530 -5.09 -23.81 -8.44
C GLU A 530 -6.33 -23.40 -9.22
N LYS A 531 -7.24 -22.64 -8.62
CA LYS A 531 -8.44 -22.23 -9.36
C LYS A 531 -8.10 -21.30 -10.51
N ASP A 532 -7.12 -20.39 -10.32
CA ASP A 532 -6.69 -19.52 -11.41
C ASP A 532 -6.09 -20.32 -12.54
N ILE A 533 -5.19 -21.24 -12.22
CA ILE A 533 -4.60 -22.13 -13.22
C ILE A 533 -5.69 -22.82 -14.02
N ARG A 534 -6.60 -23.51 -13.33
CA ARG A 534 -7.64 -24.29 -13.99
C ARG A 534 -8.57 -23.41 -14.83
N ASP A 535 -9.02 -22.29 -14.24
CA ASP A 535 -9.94 -21.40 -14.95
C ASP A 535 -9.32 -20.88 -16.24
N GLN A 536 -8.04 -20.48 -16.18
CA GLN A 536 -7.44 -19.89 -17.38
C GLN A 536 -7.17 -20.93 -18.45
N LEU A 537 -6.69 -22.12 -18.06
CA LEU A 537 -6.45 -23.15 -19.07
C LEU A 537 -7.76 -23.58 -19.72
N GLN A 538 -8.83 -23.68 -18.93
CA GLN A 538 -10.13 -24.03 -19.49
C GLN A 538 -10.63 -22.98 -20.48
N ALA A 539 -10.48 -21.70 -20.16
CA ALA A 539 -10.95 -20.65 -21.05
C ALA A 539 -10.12 -20.57 -22.34
N MET A 540 -8.82 -20.87 -22.27
CA MET A 540 -7.99 -20.76 -23.47
C MET A 540 -8.06 -22.01 -24.33
N LEU A 541 -8.01 -23.20 -23.73
CA LEU A 541 -7.98 -24.43 -24.51
C LEU A 541 -9.36 -25.05 -24.68
N GLY A 542 -10.33 -24.66 -23.85
CA GLY A 542 -11.63 -25.29 -23.87
C GLY A 542 -12.31 -25.39 -25.22
N PRO A 543 -12.26 -24.36 -26.07
CA PRO A 543 -12.97 -24.48 -27.36
C PRO A 543 -12.46 -25.61 -28.22
N ALA A 544 -11.24 -26.10 -28.02
CA ALA A 544 -10.75 -27.23 -28.79
C ALA A 544 -10.93 -28.56 -28.06
N GLY A 545 -11.82 -28.63 -27.09
CA GLY A 545 -12.14 -29.89 -26.42
C GLY A 545 -11.48 -30.13 -25.08
N PHE A 546 -10.67 -29.19 -24.59
CA PHE A 546 -9.98 -29.36 -23.32
C PHE A 546 -10.97 -29.36 -22.15
N ASP A 547 -10.81 -30.32 -21.24
CA ASP A 547 -11.58 -30.39 -20.00
C ASP A 547 -10.59 -30.49 -18.84
N HIS A 548 -10.50 -29.42 -18.06
CA HIS A 548 -9.44 -29.29 -17.08
C HIS A 548 -9.52 -30.36 -15.98
N ARG A 549 -10.74 -30.78 -15.62
CA ARG A 549 -10.89 -31.80 -14.58
C ARG A 549 -10.32 -33.14 -15.04
N ARG A 550 -10.40 -33.43 -16.34
CA ARG A 550 -9.97 -34.71 -16.87
C ARG A 550 -8.58 -34.67 -17.47
N ASP A 551 -8.14 -33.52 -17.99
CA ASP A 551 -6.91 -33.46 -18.77
C ASP A 551 -5.70 -32.99 -17.99
N ILE A 552 -5.89 -32.35 -16.84
CA ILE A 552 -4.79 -32.00 -15.96
C ILE A 552 -4.54 -33.17 -15.03
N THR A 553 -3.32 -33.70 -15.04
CA THR A 553 -2.97 -34.81 -14.17
C THR A 553 -1.91 -34.41 -13.14
N GLY A 554 -1.51 -33.14 -13.09
CA GLY A 554 -0.54 -32.71 -12.11
C GLY A 554 -0.30 -31.21 -12.13
N ILE A 555 -0.06 -30.63 -10.95
CA ILE A 555 0.18 -29.19 -10.83
C ILE A 555 1.27 -28.97 -9.81
N THR A 556 2.29 -28.20 -10.18
CA THR A 556 3.33 -27.77 -9.26
C THR A 556 3.46 -26.26 -9.36
N VAL A 557 3.20 -25.57 -8.26
CA VAL A 557 3.28 -24.11 -8.18
C VAL A 557 4.59 -23.76 -7.49
N ASN A 558 5.52 -23.15 -8.22
CA ASN A 558 6.78 -22.65 -7.64
C ASN A 558 6.58 -21.17 -7.34
N ARG A 559 6.22 -20.89 -6.09
CA ARG A 559 5.91 -19.54 -5.62
C ARG A 559 7.21 -18.86 -5.21
N TRP A 560 7.75 -17.99 -6.07
CA TRP A 560 8.99 -17.27 -5.77
C TRP A 560 8.66 -15.87 -5.26
N SER A 561 8.22 -15.83 -4.00
CA SER A 561 7.80 -14.56 -3.40
C SER A 561 8.92 -13.52 -3.42
N HIS A 562 10.16 -13.96 -3.20
CA HIS A 562 11.35 -13.15 -3.39
C HIS A 562 12.11 -13.73 -4.60
N GLY A 563 11.76 -13.26 -5.80
CA GLY A 563 12.31 -13.77 -7.04
C GLY A 563 13.48 -12.96 -7.58
N TYR A 564 13.30 -12.29 -8.73
CA TYR A 564 14.39 -11.52 -9.34
C TYR A 564 14.92 -10.48 -8.36
N SER A 565 16.25 -10.35 -8.34
CA SER A 565 16.90 -9.22 -7.68
C SER A 565 16.30 -7.90 -8.18
N TYR A 566 16.29 -6.90 -7.32
CA TYR A 566 15.91 -5.57 -7.79
C TYR A 566 16.88 -5.16 -8.91
N PHE A 567 16.42 -4.32 -9.83
CA PHE A 567 17.32 -3.75 -10.81
C PHE A 567 17.04 -2.25 -10.92
N MET A 568 18.10 -1.48 -11.15
CA MET A 568 18.00 -0.03 -11.24
C MET A 568 17.01 0.38 -12.33
N ASN A 569 15.97 1.11 -11.95
CA ASN A 569 14.87 1.46 -12.84
C ASN A 569 14.88 2.98 -13.02
N THR A 570 15.16 3.45 -14.25
CA THR A 570 15.35 4.88 -14.43
C THR A 570 14.07 5.68 -14.27
N LEU A 571 12.91 5.03 -14.30
CA LEU A 571 11.68 5.74 -13.94
C LEU A 571 11.69 6.16 -12.48
N TYR A 572 12.28 5.36 -11.60
CA TYR A 572 12.19 5.65 -10.17
C TYR A 572 13.51 5.89 -9.46
N ASP A 573 14.64 5.56 -10.07
CA ASP A 573 15.93 5.58 -9.39
C ASP A 573 16.89 6.50 -10.12
N ASP A 574 17.76 7.14 -9.34
CA ASP A 574 18.87 7.90 -9.87
C ASP A 574 20.06 6.96 -10.04
N GLU A 575 20.66 6.97 -11.23
CA GLU A 575 21.65 5.96 -11.55
C GLU A 575 22.87 6.05 -10.63
N ALA A 576 23.38 7.27 -10.39
CA ALA A 576 24.61 7.43 -9.59
C ALA A 576 24.37 7.04 -8.14
N GLU A 577 23.22 7.42 -7.59
CA GLU A 577 22.91 7.01 -6.22
C GLU A 577 22.65 5.52 -6.13
N SER A 578 22.21 4.89 -7.22
CA SER A 578 21.97 3.45 -7.16
C SER A 578 23.27 2.68 -7.22
N GLU A 579 24.17 3.08 -8.11
CA GLU A 579 25.50 2.49 -8.15
C GLU A 579 26.17 2.57 -6.79
N ALA A 580 26.07 3.73 -6.15
CA ALA A 580 26.71 3.90 -4.85
C ALA A 580 26.10 2.97 -3.80
N LEU A 581 24.77 2.86 -3.78
CA LEU A 581 24.07 2.00 -2.83
C LEU A 581 24.46 0.53 -3.04
N MET A 582 24.43 0.07 -4.29
CA MET A 582 24.82 -1.30 -4.63
C MET A 582 26.26 -1.59 -4.18
N GLU A 583 27.19 -0.68 -4.48
CA GLU A 583 28.58 -0.87 -4.09
C GLU A 583 28.73 -0.91 -2.56
N LEU A 584 28.03 -0.01 -1.85
CA LEU A 584 28.08 -0.02 -0.39
C LEU A 584 27.48 -1.30 0.17
N ALA A 585 26.32 -1.72 -0.36
CA ALA A 585 25.62 -2.90 0.15
C ALA A 585 26.53 -4.11 0.23
N ARG A 586 27.34 -4.36 -0.79
CA ARG A 586 28.10 -5.60 -0.88
C ARG A 586 29.53 -5.45 -0.35
N SER A 587 29.81 -4.39 0.41
CA SER A 587 31.15 -4.20 0.97
C SER A 587 31.44 -5.28 2.01
N LYS A 588 32.67 -5.81 1.96
CA LYS A 588 33.09 -6.85 2.89
C LYS A 588 33.08 -6.35 4.33
N VAL A 589 32.71 -7.23 5.26
CA VAL A 589 32.55 -6.88 6.67
C VAL A 589 33.43 -7.82 7.50
N GLY A 590 34.70 -7.43 7.72
CA GLY A 590 35.61 -8.33 8.41
C GLY A 590 35.90 -9.54 7.54
N ASN A 591 35.73 -10.74 8.11
CA ASN A 591 35.84 -11.97 7.34
C ASN A 591 34.49 -12.45 6.79
N VAL A 592 33.50 -11.57 6.68
CA VAL A 592 32.21 -11.87 6.10
C VAL A 592 32.10 -11.15 4.76
N ALA A 593 31.99 -11.91 3.67
CA ALA A 593 31.78 -11.35 2.34
C ALA A 593 30.32 -11.55 1.92
N ILE A 594 29.85 -10.71 0.99
CA ILE A 594 28.44 -10.71 0.60
C ILE A 594 28.36 -11.08 -0.87
N ALA A 595 27.46 -12.01 -1.19
CA ALA A 595 27.29 -12.45 -2.56
C ALA A 595 25.81 -12.46 -2.91
N ASN A 596 25.36 -13.51 -3.62
CA ASN A 596 24.05 -13.59 -4.26
C ASN A 596 24.04 -12.73 -5.52
N SER A 597 23.16 -13.07 -6.47
CA SER A 597 22.94 -12.22 -7.64
C SER A 597 22.40 -10.85 -7.22
N ASP A 598 21.65 -10.79 -6.12
CA ASP A 598 21.22 -9.52 -5.54
C ASP A 598 22.39 -8.53 -5.45
N ALA A 599 23.58 -9.00 -5.07
CA ALA A 599 24.68 -8.08 -4.84
C ALA A 599 25.06 -7.32 -6.10
N ALA A 600 24.72 -7.85 -7.27
CA ALA A 600 24.95 -7.19 -8.54
C ALA A 600 23.74 -6.43 -9.05
N TRP A 601 22.62 -6.44 -8.31
CA TRP A 601 21.36 -5.85 -8.79
C TRP A 601 21.03 -6.37 -10.19
N ASP A 602 21.21 -7.66 -10.39
CA ASP A 602 21.23 -8.26 -11.73
C ASP A 602 20.79 -9.71 -11.57
N ALA A 603 19.57 -10.01 -12.02
CA ALA A 603 18.94 -11.31 -11.78
C ALA A 603 19.36 -12.30 -12.87
N TYR A 604 20.58 -12.82 -12.76
CA TYR A 604 21.05 -13.87 -13.67
C TYR A 604 21.94 -14.87 -12.95
N ALA A 605 21.95 -16.09 -13.48
CA ALA A 605 22.84 -17.12 -12.94
C ALA A 605 24.32 -16.73 -13.07
N HIS A 606 24.71 -16.11 -14.20
CA HIS A 606 26.10 -15.68 -14.32
C HIS A 606 26.42 -14.53 -13.37
N ALA A 607 25.42 -13.73 -13.00
CA ALA A 607 25.66 -12.77 -11.93
C ALA A 607 25.88 -13.47 -10.60
N ALA A 608 25.03 -14.46 -10.29
CA ALA A 608 25.20 -15.25 -9.08
C ALA A 608 26.61 -15.85 -8.98
N ILE A 609 27.12 -16.38 -10.09
CA ILE A 609 28.47 -16.92 -10.08
C ILE A 609 29.50 -15.82 -9.89
N ASP A 610 29.40 -14.75 -10.69
CA ASP A 610 30.40 -13.68 -10.60
C ASP A 610 30.41 -13.04 -9.21
N GLN A 611 29.25 -12.89 -8.59
CA GLN A 611 29.23 -12.30 -7.25
C GLN A 611 29.87 -13.24 -6.23
N ALA A 612 29.67 -14.55 -6.39
CA ALA A 612 30.33 -15.52 -5.51
C ALA A 612 31.84 -15.49 -5.70
N VAL A 613 32.29 -15.35 -6.95
CA VAL A 613 33.72 -15.33 -7.25
C VAL A 613 34.37 -14.11 -6.62
N ARG A 614 33.77 -12.92 -6.80
CA ARG A 614 34.25 -11.73 -6.09
C ARG A 614 34.29 -11.95 -4.58
N ALA A 615 33.23 -12.54 -4.02
CA ALA A 615 33.21 -12.77 -2.57
C ALA A 615 34.36 -13.67 -2.15
N VAL A 616 34.66 -14.72 -2.93
CA VAL A 616 35.70 -15.65 -2.53
C VAL A 616 37.09 -14.99 -2.62
N ARG A 617 37.33 -14.19 -3.68
CA ARG A 617 38.62 -13.50 -3.80
C ARG A 617 38.86 -12.53 -2.66
N GLU A 618 37.82 -11.81 -2.21
CA GLU A 618 37.94 -10.87 -1.10
C GLU A 618 38.43 -11.54 0.18
N LEU A 619 38.20 -12.84 0.32
CA LEU A 619 38.60 -13.57 1.52
C LEU A 619 40.07 -14.00 1.41
N TYR B 34 -5.86 -8.05 21.36
CA TYR B 34 -6.11 -6.64 21.70
C TYR B 34 -5.85 -5.77 20.49
N TYR B 35 -6.91 -5.36 19.80
CA TYR B 35 -6.76 -4.70 18.51
C TYR B 35 -7.98 -3.83 18.29
N PRO B 36 -7.95 -2.60 18.79
CA PRO B 36 -9.16 -1.73 18.78
C PRO B 36 -9.67 -1.45 17.37
N PRO B 37 -8.81 -1.31 16.36
CA PRO B 37 -9.35 -0.97 15.03
C PRO B 37 -10.41 -1.94 14.52
N ALA B 38 -10.37 -3.21 14.95
CA ALA B 38 -11.37 -4.19 14.51
C ALA B 38 -12.69 -4.08 15.25
N LEU B 39 -12.78 -3.26 16.30
CA LEU B 39 -14.02 -3.19 17.06
C LEU B 39 -15.07 -2.39 16.29
N THR B 40 -16.31 -2.86 16.31
CA THR B 40 -17.44 -2.13 15.75
C THR B 40 -18.31 -1.68 16.93
N GLY B 41 -19.56 -1.31 16.64
CA GLY B 41 -20.45 -0.83 17.67
C GLY B 41 -20.18 0.60 18.08
N LEU B 42 -20.29 0.89 19.38
CA LEU B 42 -20.15 2.26 19.87
C LEU B 42 -18.67 2.56 20.08
N ARG B 43 -18.11 3.41 19.23
CA ARG B 43 -16.70 3.77 19.30
C ARG B 43 -16.56 5.29 19.41
N GLY B 44 -15.52 5.85 18.82
CA GLY B 44 -15.24 7.25 19.09
C GLY B 44 -14.80 7.42 20.54
N SER B 45 -15.46 8.33 21.27
CA SER B 45 -15.29 8.45 22.70
C SER B 45 -16.19 7.38 23.31
N HIS B 46 -15.63 6.18 23.37
CA HIS B 46 -16.30 4.94 23.69
C HIS B 46 -16.54 4.80 25.19
N PRO B 47 -17.48 3.95 25.60
CA PRO B 47 -17.61 3.62 27.02
C PRO B 47 -16.28 3.21 27.60
N GLY B 48 -15.96 3.74 28.77
CA GLY B 48 -14.70 3.51 29.43
C GLY B 48 -13.69 4.63 29.26
N ALA B 49 -13.82 5.44 28.21
CA ALA B 49 -12.79 6.43 27.94
C ALA B 49 -12.95 7.71 28.77
N PHE B 50 -14.14 7.96 29.32
CA PHE B 50 -14.46 9.28 29.84
C PHE B 50 -14.92 9.32 31.29
N GLU B 51 -15.08 8.18 31.96
CA GLU B 51 -15.73 8.19 33.27
C GLU B 51 -14.86 8.91 34.30
N VAL B 52 -13.55 8.67 34.32
CA VAL B 52 -12.70 9.41 35.25
C VAL B 52 -12.70 10.90 34.90
N ALA B 53 -12.63 11.22 33.60
CA ALA B 53 -12.65 12.62 33.18
C ALA B 53 -13.89 13.33 33.68
N HIS B 54 -15.04 12.66 33.61
CA HIS B 54 -16.30 13.24 34.04
C HIS B 54 -16.41 13.32 35.56
N GLN B 55 -15.80 12.38 36.28
CA GLN B 55 -15.73 12.54 37.74
C GLN B 55 -15.10 13.86 38.13
N MET B 56 -14.07 14.30 37.40
CA MET B 56 -13.53 15.64 37.62
C MET B 56 -14.44 16.73 37.04
N GLY B 57 -14.82 16.59 35.78
CA GLY B 57 -15.54 17.65 35.08
C GLY B 57 -16.97 17.83 35.53
N TRP B 58 -17.68 16.72 35.77
CA TRP B 58 -19.06 16.81 36.22
C TRP B 58 -19.14 16.87 37.74
N GLU B 59 -18.61 15.85 38.41
CA GLU B 59 -18.78 15.71 39.86
C GLU B 59 -17.76 16.50 40.66
N LYS B 60 -16.79 17.15 39.99
CA LYS B 60 -15.79 18.01 40.63
C LYS B 60 -14.94 17.25 41.65
N LYS B 61 -14.76 15.95 41.44
CA LYS B 61 -13.81 15.20 42.24
C LYS B 61 -12.39 15.62 41.90
N THR B 62 -11.53 15.62 42.90
CA THR B 62 -10.10 15.86 42.70
C THR B 62 -9.37 14.59 43.12
N PHE B 63 -8.51 14.09 42.25
CA PHE B 63 -7.74 12.88 42.52
C PHE B 63 -6.31 13.27 42.86
N ASP B 64 -5.96 13.14 44.13
CA ASP B 64 -4.63 13.49 44.60
C ASP B 64 -3.73 12.27 44.53
N VAL B 65 -2.57 12.42 43.91
CA VAL B 65 -1.56 11.36 43.91
C VAL B 65 -0.32 11.76 44.70
N ASP B 66 -0.36 12.90 45.40
CA ASP B 66 0.83 13.40 46.08
C ASP B 66 1.28 12.51 47.24
N HIS B 67 0.43 11.60 47.70
CA HIS B 67 0.79 10.68 48.78
C HIS B 67 1.30 9.34 48.28
N LEU B 68 1.49 9.20 46.95
CA LEU B 68 1.95 7.99 46.31
C LEU B 68 3.41 8.11 45.89
N PRO B 69 4.18 7.03 45.98
CA PRO B 69 5.56 7.09 45.49
C PRO B 69 5.59 7.29 43.98
N ILE B 70 6.64 7.98 43.51
CA ILE B 70 6.86 8.11 42.08
C ILE B 70 7.33 6.77 41.51
N GLU B 71 6.64 6.28 40.49
CA GLU B 71 6.86 4.94 39.99
C GLU B 71 7.85 4.88 38.83
N GLU B 72 7.88 5.90 37.97
CA GLU B 72 8.70 5.92 36.77
C GLU B 72 9.08 7.36 36.49
N GLU B 73 10.26 7.56 35.88
CA GLU B 73 10.76 8.87 35.53
C GLU B 73 11.03 8.95 34.03
N TYR B 74 10.74 10.12 33.46
CA TYR B 74 10.83 10.35 32.03
C TYR B 74 11.43 11.73 31.80
N ASP B 75 11.97 11.94 30.59
CA ASP B 75 12.32 13.31 30.23
C ASP B 75 11.09 14.11 29.85
N LEU B 76 10.10 13.47 29.25
CA LEU B 76 8.90 14.18 28.80
C LEU B 76 7.69 13.28 29.04
N VAL B 77 6.69 13.83 29.70
CA VAL B 77 5.38 13.18 29.81
C VAL B 77 4.39 14.00 28.98
N VAL B 78 3.70 13.33 28.06
CA VAL B 78 2.67 13.95 27.24
C VAL B 78 1.30 13.47 27.73
N VAL B 79 0.45 14.40 28.12
CA VAL B 79 -0.95 14.09 28.41
C VAL B 79 -1.74 14.25 27.11
N GLY B 80 -2.28 13.13 26.61
CA GLY B 80 -3.04 13.15 25.36
C GLY B 80 -2.28 12.50 24.22
N GLY B 81 -2.86 11.47 23.60
CA GLY B 81 -2.20 10.77 22.52
C GLY B 81 -2.84 10.98 21.17
N GLY B 82 -3.33 12.19 20.91
CA GLY B 82 -3.80 12.53 19.59
C GLY B 82 -2.62 12.88 18.68
N ILE B 83 -2.96 13.38 17.51
CA ILE B 83 -1.94 13.85 16.56
C ILE B 83 -1.04 14.87 17.20
N SER B 84 -1.61 15.76 18.03
CA SER B 84 -0.79 16.77 18.68
C SER B 84 0.17 16.15 19.69
N GLY B 85 -0.31 15.20 20.50
CA GLY B 85 0.56 14.61 21.51
C GLY B 85 1.68 13.81 20.90
N LEU B 86 1.36 13.03 19.86
CA LEU B 86 2.37 12.25 19.15
C LEU B 86 3.36 13.16 18.44
N ALA B 87 2.86 14.20 17.77
CA ALA B 87 3.75 15.19 17.16
C ALA B 87 4.70 15.78 18.21
N ALA B 88 4.17 16.09 19.40
CA ALA B 88 5.03 16.62 20.46
C ALA B 88 6.11 15.62 20.85
N ALA B 89 5.74 14.35 21.00
CA ALA B 89 6.73 13.32 21.29
C ALA B 89 7.77 13.24 20.19
N TRP B 90 7.33 13.31 18.92
CA TRP B 90 8.26 13.23 17.80
C TRP B 90 9.20 14.45 17.76
N PHE B 91 8.66 15.66 17.95
CA PHE B 91 9.55 16.82 17.84
C PHE B 91 10.46 16.95 19.04
N TYR B 92 10.01 16.55 20.23
CA TYR B 92 10.89 16.52 21.41
C TYR B 92 12.05 15.56 21.19
N ARG B 93 11.76 14.37 20.66
CA ARG B 93 12.82 13.40 20.38
C ARG B 93 13.79 13.92 19.33
N GLU B 94 13.30 14.74 18.39
CA GLU B 94 14.21 15.36 17.43
C GLU B 94 15.18 16.31 18.13
N ARG B 95 14.72 17.01 19.17
CA ARG B 95 15.60 17.90 19.92
C ARG B 95 16.46 17.16 20.92
N HIS B 96 15.98 16.04 21.45
CA HIS B 96 16.66 15.29 22.49
C HIS B 96 16.64 13.82 22.10
N PRO B 97 17.54 13.40 21.20
CA PRO B 97 17.45 12.05 20.63
C PRO B 97 17.39 10.93 21.65
N ALA B 98 17.99 11.12 22.82
CA ALA B 98 18.07 10.08 23.83
C ALA B 98 16.87 10.09 24.79
N ALA B 99 15.86 10.94 24.55
CA ALA B 99 14.82 11.17 25.54
C ALA B 99 13.97 9.93 25.81
N ARG B 100 13.57 9.80 27.07
CA ARG B 100 12.52 8.88 27.48
C ARG B 100 11.20 9.65 27.58
N ILE B 101 10.18 9.15 26.89
CA ILE B 101 8.90 9.84 26.71
C ILE B 101 7.77 8.91 27.09
N LEU B 102 6.85 9.40 27.90
CA LEU B 102 5.62 8.70 28.23
C LEU B 102 4.45 9.49 27.66
N VAL B 103 3.59 8.81 26.92
CA VAL B 103 2.36 9.38 26.39
C VAL B 103 1.22 8.69 27.10
N ILE B 104 0.41 9.48 27.81
CA ILE B 104 -0.76 9.00 28.55
C ILE B 104 -2.03 9.33 27.77
N GLU B 105 -2.81 8.31 27.40
CA GLU B 105 -3.99 8.49 26.54
C GLU B 105 -5.18 7.74 27.15
N ASN B 106 -6.33 8.41 27.23
CA ASN B 106 -7.45 7.79 27.95
C ASN B 106 -8.32 6.88 27.09
N HIS B 107 -8.35 7.08 25.77
CA HIS B 107 -9.07 6.12 24.95
C HIS B 107 -8.32 4.78 24.91
N ASP B 108 -8.94 3.77 24.30
CA ASP B 108 -8.35 2.44 24.19
C ASP B 108 -7.47 2.28 22.95
N ASP B 109 -7.39 3.30 22.11
CA ASP B 109 -6.52 3.33 20.94
C ASP B 109 -5.82 4.69 20.95
N PHE B 110 -4.66 4.74 20.31
CA PHE B 110 -4.03 6.03 20.11
C PHE B 110 -4.67 6.75 18.93
N GLY B 111 -4.45 8.06 18.84
CA GLY B 111 -4.87 8.82 17.68
C GLY B 111 -5.83 9.96 17.99
N GLY B 112 -6.51 9.94 19.12
CA GLY B 112 -7.48 10.99 19.37
C GLY B 112 -8.57 10.89 18.31
N HIS B 113 -8.88 12.02 17.67
CA HIS B 113 -9.89 12.03 16.63
C HIS B 113 -9.49 11.20 15.41
N ALA B 114 -8.22 10.82 15.28
CA ALA B 114 -7.73 10.09 14.11
C ALA B 114 -7.72 8.61 14.44
N LYS B 115 -8.76 7.89 14.02
CA LYS B 115 -8.95 6.49 14.38
C LYS B 115 -9.21 5.66 13.13
N ARG B 116 -8.63 4.46 13.10
CA ARG B 116 -8.84 3.49 12.04
C ARG B 116 -10.03 2.59 12.39
N ASN B 117 -10.97 2.46 11.46
CA ASN B 117 -12.08 1.51 11.55
C ASN B 117 -11.90 0.42 10.51
N GLU B 118 -12.25 -0.82 10.87
CA GLU B 118 -12.08 -1.97 9.99
C GLU B 118 -13.37 -2.77 9.93
N PHE B 119 -13.72 -3.23 8.74
CA PHE B 119 -14.71 -4.27 8.55
C PHE B 119 -14.08 -5.44 7.81
N GLN B 120 -14.60 -6.64 8.05
CA GLN B 120 -14.24 -7.82 7.28
C GLN B 120 -15.43 -8.20 6.41
N ALA B 121 -15.19 -8.36 5.11
CA ALA B 121 -16.25 -8.76 4.19
C ALA B 121 -15.66 -9.49 3.01
N GLY B 122 -16.30 -10.59 2.61
CA GLY B 122 -15.83 -11.37 1.47
C GLY B 122 -14.37 -11.77 1.58
N GLY B 123 -13.92 -12.10 2.78
CA GLY B 123 -12.53 -12.48 2.98
C GLY B 123 -11.51 -11.36 2.86
N ARG B 124 -11.94 -10.10 2.85
CA ARG B 124 -11.00 -8.99 2.78
C ARG B 124 -11.35 -7.93 3.81
N THR B 125 -10.37 -7.09 4.10
CA THR B 125 -10.55 -5.96 5.00
C THR B 125 -11.07 -4.76 4.22
N ILE B 126 -12.01 -4.03 4.81
CA ILE B 126 -12.44 -2.75 4.26
C ILE B 126 -12.21 -1.70 5.34
N LEU B 127 -11.51 -0.63 4.97
CA LEU B 127 -11.04 0.37 5.91
C LEU B 127 -11.95 1.59 5.90
N GLY B 128 -12.00 2.27 7.04
CA GLY B 128 -12.73 3.52 7.13
C GLY B 128 -12.09 4.41 8.17
N TYR B 129 -12.50 5.66 8.19
CA TYR B 129 -11.91 6.61 9.12
C TYR B 129 -12.93 6.92 10.20
N GLY B 130 -12.49 6.83 11.45
CA GLY B 130 -13.39 7.13 12.57
C GLY B 130 -13.61 8.60 12.80
N GLY B 131 -12.67 9.45 12.42
CA GLY B 131 -12.79 10.88 12.67
C GLY B 131 -12.01 11.75 11.70
N SER B 132 -10.89 12.32 12.16
CA SER B 132 -10.02 13.17 11.36
C SER B 132 -9.84 12.65 9.94
N GLU B 133 -10.36 13.38 8.95
CA GLU B 133 -10.72 12.77 7.68
C GLU B 133 -9.60 12.83 6.63
N SER B 134 -9.10 14.04 6.32
CA SER B 134 -8.08 14.21 5.27
C SER B 134 -7.13 15.35 5.62
N LEU B 135 -6.00 15.39 4.91
CA LEU B 135 -5.13 16.57 5.00
C LEU B 135 -5.76 17.72 4.23
N GLN B 136 -6.10 18.80 4.95
CA GLN B 136 -6.83 19.91 4.36
C GLN B 136 -5.86 20.83 3.64
N SER B 137 -6.11 21.05 2.34
CA SER B 137 -5.34 21.95 1.47
C SER B 137 -3.86 21.94 1.85
N PRO B 138 -3.22 20.78 1.87
CA PRO B 138 -1.89 20.70 2.48
C PRO B 138 -0.85 21.60 1.81
N ASN B 139 -0.92 21.79 0.49
CA ASN B 139 0.08 22.66 -0.13
C ASN B 139 -0.09 24.11 0.34
N ALA B 140 -1.34 24.56 0.50
CA ALA B 140 -1.57 25.90 1.02
C ALA B 140 -1.25 26.01 2.50
N LEU B 141 -1.80 25.10 3.32
CA LEU B 141 -1.95 25.34 4.75
C LEU B 141 -0.87 24.74 5.63
N TYR B 142 -0.08 23.78 5.14
CA TYR B 142 0.83 23.03 6.00
C TYR B 142 2.14 23.80 6.15
N SER B 143 2.50 24.12 7.39
CA SER B 143 3.72 24.83 7.71
C SER B 143 4.95 23.98 7.34
N GLU B 144 6.14 24.60 7.47
CA GLU B 144 7.37 23.90 7.15
C GLU B 144 7.66 22.81 8.17
N ASP B 145 7.19 22.97 9.40
CA ASP B 145 7.35 21.92 10.40
C ASP B 145 6.49 20.71 10.06
N ALA B 146 5.24 20.95 9.66
CA ALA B 146 4.37 19.84 9.30
C ALA B 146 4.86 19.15 8.03
N LYS B 147 5.34 19.91 7.05
CA LYS B 147 5.89 19.27 5.86
C LYS B 147 7.19 18.55 6.18
N HIS B 148 8.03 19.11 7.05
CA HIS B 148 9.19 18.38 7.52
C HIS B 148 8.77 17.04 8.13
N LEU B 149 7.78 17.06 9.04
CA LEU B 149 7.29 15.83 9.64
C LEU B 149 6.82 14.84 8.57
N LEU B 150 6.01 15.32 7.62
CA LEU B 150 5.45 14.43 6.62
C LEU B 150 6.55 13.77 5.78
N LYS B 151 7.54 14.56 5.34
CA LYS B 151 8.59 13.97 4.53
C LYS B 151 9.42 12.98 5.32
N ARG B 152 9.64 13.21 6.61
CA ARG B 152 10.38 12.25 7.41
C ARG B 152 9.57 10.98 7.71
N LEU B 153 8.24 11.05 7.67
CA LEU B 153 7.45 9.84 7.77
C LEU B 153 7.31 9.12 6.42
N GLY B 154 7.82 9.71 5.35
CA GLY B 154 7.69 9.08 4.05
C GLY B 154 6.36 9.34 3.39
N VAL B 155 5.72 10.46 3.71
CA VAL B 155 4.48 10.87 3.05
C VAL B 155 4.84 11.85 1.95
N GLU B 156 4.42 11.52 0.72
CA GLU B 156 4.60 12.38 -0.45
C GLU B 156 3.22 12.79 -0.93
N LEU B 157 2.88 14.06 -0.75
CA LEU B 157 1.54 14.53 -1.09
C LEU B 157 1.18 14.20 -2.54
N LYS B 158 2.13 14.35 -3.48
CA LYS B 158 1.83 14.12 -4.88
C LYS B 158 1.32 12.70 -5.14
N ARG B 159 1.72 11.74 -4.30
CA ARG B 159 1.25 10.36 -4.48
C ARG B 159 -0.28 10.27 -4.48
N PHE B 160 -0.96 11.19 -3.78
CA PHE B 160 -2.43 11.13 -3.73
C PHE B 160 -3.08 11.47 -5.06
N GLU B 161 -2.38 12.14 -5.98
CA GLU B 161 -3.00 12.42 -7.26
C GLU B 161 -3.30 11.14 -8.03
N THR B 162 -2.50 10.09 -7.84
CA THR B 162 -2.81 8.78 -8.43
C THR B 162 -3.46 7.81 -7.45
N ALA B 163 -3.26 7.98 -6.15
CA ALA B 163 -3.86 7.04 -5.21
C ALA B 163 -5.36 7.24 -5.12
N PHE B 164 -5.80 8.50 -5.06
CA PHE B 164 -7.21 8.84 -5.08
C PHE B 164 -7.79 8.63 -6.48
N ASP B 165 -8.80 7.77 -6.57
CA ASP B 165 -9.43 7.45 -7.86
C ASP B 165 -10.52 8.50 -8.16
N THR B 166 -10.06 9.69 -8.60
CA THR B 166 -10.94 10.85 -8.70
C THR B 166 -12.09 10.67 -9.69
N ASP B 167 -11.92 9.82 -10.70
CA ASP B 167 -12.91 9.64 -11.75
C ASP B 167 -13.80 8.42 -11.54
N PHE B 168 -13.58 7.64 -10.48
CA PHE B 168 -14.29 6.38 -10.32
C PHE B 168 -15.81 6.61 -10.28
N TYR B 169 -16.30 7.34 -9.27
CA TYR B 169 -17.75 7.55 -9.17
C TYR B 169 -18.29 8.41 -10.31
N PRO B 170 -17.65 9.52 -10.70
CA PRO B 170 -18.19 10.31 -11.82
C PRO B 170 -18.24 9.55 -13.14
N GLY B 171 -17.27 8.63 -13.36
CA GLY B 171 -17.24 7.78 -14.53
C GLY B 171 -18.21 6.63 -14.51
N LEU B 172 -18.80 6.30 -13.37
CA LEU B 172 -19.95 5.42 -13.37
C LEU B 172 -21.24 6.21 -13.57
N GLY B 173 -21.11 7.49 -13.90
CA GLY B 173 -22.25 8.36 -14.04
C GLY B 173 -22.94 8.75 -12.74
N LEU B 174 -22.23 8.73 -11.62
CA LEU B 174 -22.88 9.04 -10.35
C LEU B 174 -22.77 10.53 -10.04
N SER B 175 -23.77 11.06 -9.33
CA SER B 175 -23.77 12.48 -8.95
C SER B 175 -24.10 12.63 -7.46
N ARG B 176 -24.06 13.87 -6.99
CA ARG B 176 -24.50 14.19 -5.63
C ARG B 176 -25.99 14.51 -5.64
N ALA B 177 -26.64 14.32 -4.50
CA ALA B 177 -28.10 14.41 -4.41
C ALA B 177 -28.52 15.00 -3.07
N VAL B 178 -29.78 15.41 -3.04
CA VAL B 178 -30.43 16.00 -1.86
C VAL B 178 -31.65 15.15 -1.55
N PHE B 179 -31.78 14.72 -0.28
CA PHE B 179 -32.94 13.94 0.16
C PHE B 179 -33.84 14.80 1.03
N PHE B 180 -35.04 15.08 0.52
CA PHE B 180 -36.09 15.70 1.29
C PHE B 180 -36.90 14.60 1.98
N ASP B 181 -37.09 14.74 3.29
CA ASP B 181 -37.77 13.71 4.04
C ASP B 181 -39.23 14.11 4.34
N LYS B 182 -40.08 13.10 4.44
CA LYS B 182 -41.52 13.32 4.54
C LYS B 182 -41.88 14.09 5.80
N ALA B 183 -41.20 13.80 6.92
CA ALA B 183 -41.55 14.42 8.20
C ALA B 183 -41.50 15.94 8.13
N SER B 184 -40.55 16.53 7.38
CA SER B 184 -40.56 17.99 7.35
C SER B 184 -41.08 18.60 6.04
N PHE B 185 -41.02 17.88 4.91
CA PHE B 185 -41.44 18.44 3.64
C PHE B 185 -42.76 17.90 3.10
N GLY B 186 -43.32 16.86 3.71
CA GLY B 186 -44.56 16.28 3.26
C GLY B 186 -44.42 15.04 2.38
N VAL B 187 -43.24 14.84 1.77
CA VAL B 187 -42.97 13.71 0.90
C VAL B 187 -41.51 13.32 1.04
N ASP B 188 -41.20 12.06 0.72
CA ASP B 188 -39.82 11.63 0.54
C ASP B 188 -39.42 11.84 -0.91
N LYS B 189 -38.32 12.57 -1.14
CA LYS B 189 -37.89 12.78 -2.51
C LYS B 189 -36.38 12.91 -2.58
N LEU B 190 -35.76 12.08 -3.42
CA LEU B 190 -34.33 12.12 -3.70
C LEU B 190 -34.11 12.82 -5.03
N VAL B 191 -33.35 13.90 -5.02
CA VAL B 191 -33.14 14.74 -6.20
C VAL B 191 -31.65 14.75 -6.50
N SER B 192 -31.26 14.16 -7.63
CA SER B 192 -29.86 13.98 -7.99
C SER B 192 -29.41 15.11 -8.92
N GLY B 193 -28.13 15.07 -9.31
CA GLY B 193 -27.61 16.06 -10.22
C GLY B 193 -27.30 17.39 -9.57
N ASP B 194 -27.03 17.38 -8.28
CA ASP B 194 -26.83 18.60 -7.50
C ASP B 194 -25.58 19.32 -7.95
N PRO B 195 -25.67 20.57 -8.44
CA PRO B 195 -24.47 21.33 -8.81
C PRO B 195 -23.79 22.07 -7.68
N THR B 196 -24.27 21.96 -6.45
CA THR B 196 -23.71 22.76 -5.36
C THR B 196 -22.22 22.49 -5.17
N PRO B 197 -21.36 23.50 -5.32
CA PRO B 197 -19.94 23.32 -5.01
C PRO B 197 -19.71 23.18 -3.51
N MET B 198 -18.79 22.30 -3.15
CA MET B 198 -18.42 22.08 -1.76
C MET B 198 -17.19 22.92 -1.43
N VAL B 199 -17.12 23.36 -0.16
CA VAL B 199 -15.94 24.06 0.34
C VAL B 199 -14.69 23.25 0.04
N ALA B 200 -14.73 21.97 0.38
CA ALA B 200 -13.62 21.04 0.17
C ALA B 200 -14.16 19.91 -0.71
N ASP B 201 -13.87 19.97 -2.01
CA ASP B 201 -14.54 19.12 -2.99
C ASP B 201 -13.54 18.17 -3.63
N GLU B 202 -13.82 16.86 -3.55
CA GLU B 202 -12.97 15.87 -4.19
C GLU B 202 -13.36 15.60 -5.64
N VAL B 203 -14.48 16.13 -6.11
CA VAL B 203 -14.99 15.90 -7.46
C VAL B 203 -14.58 17.11 -8.33
N PRO B 204 -13.84 16.92 -9.41
CA PRO B 204 -13.55 18.05 -10.30
C PRO B 204 -14.84 18.67 -10.81
N ARG B 205 -14.83 20.01 -10.98
CA ARG B 205 -16.05 20.75 -11.29
C ARG B 205 -16.74 20.22 -12.56
N ASP B 206 -15.97 19.80 -13.54
CA ASP B 206 -16.55 19.31 -14.79
C ASP B 206 -16.92 17.82 -14.75
N ARG B 207 -16.77 17.15 -13.61
CA ARG B 207 -17.18 15.76 -13.47
C ARG B 207 -18.33 15.61 -12.48
N LEU B 208 -19.01 16.71 -12.17
CA LEU B 208 -20.09 16.71 -11.19
C LEU B 208 -21.30 15.91 -11.66
N ASN B 209 -21.44 15.69 -12.97
CA ASN B 209 -22.61 15.02 -13.54
C ASN B 209 -23.89 15.72 -13.09
N ALA B 210 -23.86 17.04 -13.07
CA ALA B 210 -24.92 17.82 -12.45
C ALA B 210 -25.83 18.43 -13.49
N ARG B 211 -26.95 18.96 -13.01
CA ARG B 211 -27.94 19.61 -13.83
C ARG B 211 -27.90 21.12 -13.60
N SER B 212 -28.60 21.87 -14.43
CA SER B 212 -28.68 23.29 -14.22
C SER B 212 -29.45 23.58 -12.94
N TRP B 213 -29.23 24.78 -12.38
CA TRP B 213 -29.98 25.20 -11.21
C TRP B 213 -31.49 25.13 -11.46
N ARG B 214 -31.94 25.59 -12.62
CA ARG B 214 -33.37 25.53 -12.94
C ARG B 214 -33.88 24.09 -12.97
N ALA B 215 -33.14 23.18 -13.61
CA ALA B 215 -33.59 21.78 -13.65
C ALA B 215 -33.47 21.12 -12.29
N PHE B 216 -32.40 21.39 -11.54
CA PHE B 216 -32.22 20.75 -10.24
C PHE B 216 -33.28 21.23 -9.24
N ILE B 217 -33.36 22.55 -9.05
CA ILE B 217 -34.32 23.12 -8.12
C ILE B 217 -35.75 22.89 -8.59
N GLY B 218 -35.94 22.74 -9.90
CA GLY B 218 -37.27 22.44 -10.41
C GLY B 218 -37.85 21.15 -9.85
N ASP B 219 -37.01 20.28 -9.30
CA ASP B 219 -37.47 19.01 -8.76
C ASP B 219 -37.75 19.06 -7.26
N PHE B 220 -37.42 20.16 -6.59
CA PHE B 220 -37.58 20.22 -5.15
C PHE B 220 -39.06 20.09 -4.79
N PRO B 221 -39.40 19.41 -3.70
CA PRO B 221 -40.81 19.32 -3.28
C PRO B 221 -41.24 20.58 -2.53
N LEU B 222 -41.22 21.69 -3.27
CA LEU B 222 -41.56 23.02 -2.79
C LEU B 222 -42.54 23.63 -3.79
N SER B 223 -43.26 24.64 -3.33
CA SER B 223 -44.17 25.35 -4.21
C SER B 223 -43.41 26.07 -5.32
N ARG B 224 -44.13 26.42 -6.37
CA ARG B 224 -43.52 27.13 -7.48
C ARG B 224 -42.89 28.43 -7.01
N GLU B 225 -43.60 29.16 -6.14
CA GLU B 225 -43.08 30.43 -5.62
C GLU B 225 -41.73 30.24 -4.93
N ASP B 226 -41.62 29.20 -4.10
CA ASP B 226 -40.36 28.93 -3.39
C ASP B 226 -39.27 28.47 -4.37
N ARG B 227 -39.63 27.61 -5.34
CA ARG B 227 -38.63 27.14 -6.30
C ARG B 227 -38.08 28.30 -7.11
N GLU B 228 -38.96 29.19 -7.59
CA GLU B 228 -38.48 30.30 -8.40
C GLU B 228 -37.60 31.24 -7.57
N ALA B 229 -38.01 31.51 -6.32
CA ALA B 229 -37.16 32.32 -5.44
C ALA B 229 -35.76 31.72 -5.29
N LEU B 230 -35.68 30.38 -5.13
CA LEU B 230 -34.38 29.72 -5.04
C LEU B 230 -33.61 29.81 -6.36
N ILE B 231 -34.29 29.59 -7.48
CA ILE B 231 -33.64 29.75 -8.78
C ILE B 231 -33.14 31.16 -8.97
N ALA B 232 -33.95 32.16 -8.60
CA ALA B 232 -33.53 33.55 -8.78
C ALA B 232 -32.29 33.86 -7.96
N LEU B 233 -32.13 33.18 -6.81
CA LEU B 233 -30.95 33.38 -5.98
C LEU B 233 -29.67 33.02 -6.72
N TYR B 234 -29.72 32.06 -7.66
CA TYR B 234 -28.56 31.68 -8.46
C TYR B 234 -28.54 32.36 -9.84
N GLU B 235 -29.70 32.56 -10.46
CA GLU B 235 -29.70 33.14 -11.81
C GLU B 235 -29.73 34.67 -11.81
N SER B 236 -30.32 35.32 -10.83
CA SER B 236 -30.53 36.77 -10.83
C SER B 236 -30.11 37.37 -9.49
N PRO B 237 -28.83 37.30 -9.15
CA PRO B 237 -28.41 37.92 -7.88
C PRO B 237 -28.53 39.43 -7.92
N ARG B 238 -29.02 40.00 -6.82
CA ARG B 238 -29.19 41.44 -6.69
C ARG B 238 -28.41 41.92 -5.49
N ASP B 239 -28.22 43.24 -5.40
CA ASP B 239 -27.61 43.84 -4.20
C ASP B 239 -28.68 43.89 -3.11
N TYR B 240 -28.76 42.81 -2.32
CA TYR B 240 -29.73 42.74 -1.23
C TYR B 240 -29.44 43.73 -0.10
N LEU B 241 -28.28 44.36 -0.09
CA LEU B 241 -27.92 45.31 0.95
C LEU B 241 -27.69 46.69 0.36
N ALA B 242 -28.50 47.07 -0.63
CA ALA B 242 -28.32 48.35 -1.29
C ALA B 242 -28.46 49.49 -0.29
N GLY B 243 -27.56 50.45 -0.36
CA GLY B 243 -27.59 51.59 0.53
C GLY B 243 -26.57 51.55 1.65
N LYS B 244 -25.99 50.39 1.92
CA LYS B 244 -24.81 50.29 2.77
C LYS B 244 -23.56 50.38 1.91
N SER B 245 -22.55 51.07 2.42
CA SER B 245 -21.25 51.02 1.78
C SER B 245 -20.69 49.61 1.88
N VAL B 246 -19.53 49.38 1.25
CA VAL B 246 -18.96 48.03 1.26
C VAL B 246 -18.57 47.62 2.68
N GLU B 247 -17.86 48.50 3.39
CA GLU B 247 -17.46 48.21 4.76
C GLU B 247 -18.64 48.06 5.70
N GLU B 248 -19.76 48.73 5.42
CA GLU B 248 -20.95 48.52 6.23
C GLU B 248 -21.59 47.17 5.90
N LYS B 249 -21.54 46.75 4.64
CA LYS B 249 -21.96 45.40 4.27
C LYS B 249 -21.14 44.35 5.02
N GLU B 250 -19.82 44.54 5.06
CA GLU B 250 -18.94 43.54 5.66
C GLU B 250 -19.20 43.40 7.15
N THR B 251 -19.32 44.52 7.86
CA THR B 251 -19.62 44.47 9.28
C THR B 251 -20.98 43.83 9.54
N TYR B 252 -21.98 44.19 8.73
CA TYR B 252 -23.31 43.61 8.89
C TYR B 252 -23.31 42.10 8.68
N LEU B 253 -22.59 41.62 7.65
CA LEU B 253 -22.53 40.19 7.39
C LEU B 253 -21.76 39.44 8.49
N ALA B 254 -20.81 40.09 9.18
CA ALA B 254 -20.14 39.45 10.31
C ALA B 254 -21.06 39.34 11.52
N LYS B 255 -22.08 40.20 11.61
CA LYS B 255 -22.93 40.27 12.79
C LYS B 255 -24.31 39.69 12.56
N THR B 256 -24.58 39.17 11.35
CA THR B 256 -25.85 38.60 10.96
C THR B 256 -25.65 37.18 10.51
N SER B 257 -26.50 36.28 10.99
CA SER B 257 -26.39 34.88 10.61
C SER B 257 -26.83 34.66 9.16
N TYR B 258 -26.30 33.60 8.56
CA TYR B 258 -26.68 33.27 7.19
C TYR B 258 -28.19 33.04 7.08
N ARG B 259 -28.78 32.41 8.09
CA ARG B 259 -30.23 32.23 8.10
C ARG B 259 -30.96 33.57 8.08
N ASP B 260 -30.58 34.51 8.95
CA ASP B 260 -31.25 35.81 8.97
C ASP B 260 -31.00 36.61 7.69
N TYR B 261 -29.82 36.42 7.07
CA TYR B 261 -29.55 37.06 5.80
C TYR B 261 -30.48 36.52 4.72
N LEU B 262 -30.59 35.19 4.64
CA LEU B 262 -31.50 34.56 3.69
C LEU B 262 -32.95 34.97 3.91
N LEU B 263 -33.39 35.03 5.16
CA LEU B 263 -34.80 35.27 5.43
C LEU B 263 -35.18 36.72 5.17
N LYS B 264 -34.33 37.65 5.57
CA LYS B 264 -34.71 39.07 5.63
C LYS B 264 -34.17 39.87 4.47
N ASN B 265 -32.95 39.59 4.02
CA ASN B 265 -32.32 40.34 2.95
C ASN B 265 -32.55 39.71 1.58
N VAL B 266 -32.36 38.39 1.46
CA VAL B 266 -32.72 37.76 0.19
C VAL B 266 -34.24 37.66 0.07
N GLY B 267 -34.93 37.38 1.18
CA GLY B 267 -36.37 37.24 1.17
C GLY B 267 -36.88 35.82 1.07
N LEU B 268 -36.07 34.80 1.32
CA LEU B 268 -36.56 33.44 1.18
C LEU B 268 -37.53 33.12 2.32
N SER B 269 -38.50 32.26 2.03
CA SER B 269 -39.44 31.81 3.05
C SER B 269 -38.75 30.84 4.01
N GLU B 270 -39.42 30.59 5.14
CA GLU B 270 -38.87 29.67 6.14
C GLU B 270 -38.71 28.27 5.57
N THR B 271 -39.61 27.86 4.67
CA THR B 271 -39.51 26.53 4.09
C THR B 271 -38.26 26.39 3.24
N SER B 272 -37.99 27.36 2.37
CA SER B 272 -36.80 27.23 1.53
C SER B 272 -35.51 27.44 2.32
N VAL B 273 -35.55 28.17 3.43
CA VAL B 273 -34.36 28.29 4.27
C VAL B 273 -34.02 26.93 4.89
N LYS B 274 -35.03 26.09 5.13
CA LYS B 274 -34.77 24.73 5.61
C LYS B 274 -33.78 24.01 4.71
N TYR B 275 -33.80 24.29 3.40
CA TYR B 275 -32.90 23.63 2.47
C TYR B 275 -31.43 23.98 2.77
N PHE B 276 -31.17 25.24 3.14
CA PHE B 276 -29.80 25.69 3.41
C PHE B 276 -29.34 25.42 4.83
N GLN B 277 -30.29 25.28 5.75
CA GLN B 277 -29.99 25.32 7.19
C GLN B 277 -28.93 24.31 7.58
N GLY B 278 -29.03 23.09 7.05
CA GLY B 278 -28.15 22.01 7.48
C GLY B 278 -26.91 21.81 6.65
N ARG B 279 -26.73 22.58 5.57
CA ARG B 279 -25.63 22.33 4.63
C ARG B 279 -24.28 22.43 5.34
N SER B 280 -24.17 23.32 6.32
CA SER B 280 -22.89 23.55 7.01
C SER B 280 -22.63 22.56 8.13
N ASN B 281 -23.61 21.72 8.50
CA ASN B 281 -23.48 20.89 9.68
C ASN B 281 -22.22 20.06 9.65
N ALA B 282 -21.95 19.41 8.52
CA ALA B 282 -20.89 18.42 8.47
C ALA B 282 -19.51 19.07 8.51
N PHE B 283 -19.35 20.23 7.87
CA PHE B 283 -18.03 20.83 7.83
C PHE B 283 -17.78 21.75 9.02
N SER B 284 -18.82 22.36 9.58
CA SER B 284 -18.68 23.33 10.65
C SER B 284 -19.15 22.85 12.02
N ALA B 285 -20.02 21.84 12.08
CA ALA B 285 -20.68 21.38 13.30
C ALA B 285 -21.72 22.39 13.80
N LEU B 286 -22.15 23.29 12.92
CA LEU B 286 -23.15 24.30 13.18
C LEU B 286 -23.95 24.52 11.89
N GLY B 287 -25.22 24.90 12.05
CA GLY B 287 -26.08 25.20 10.93
C GLY B 287 -26.07 26.69 10.57
N ALA B 288 -26.94 27.04 9.59
CA ALA B 288 -27.03 28.40 9.10
C ALA B 288 -27.43 29.40 10.19
N ASP B 289 -28.19 28.94 11.19
CA ASP B 289 -28.64 29.82 12.26
C ASP B 289 -27.50 30.35 13.12
N ALA B 290 -26.35 29.67 13.12
CA ALA B 290 -25.27 30.01 14.04
C ALA B 290 -23.96 30.29 13.32
N LEU B 291 -24.00 30.59 12.03
CA LEU B 291 -22.80 30.93 11.30
C LEU B 291 -22.94 32.32 10.69
N PRO B 292 -21.93 33.18 10.81
CA PRO B 292 -22.00 34.51 10.19
C PRO B 292 -22.18 34.39 8.68
N ALA B 293 -23.11 35.19 8.15
CA ALA B 293 -23.26 35.29 6.70
C ALA B 293 -21.94 35.57 6.00
N ALA B 294 -21.03 36.30 6.66
CA ALA B 294 -19.71 36.50 6.09
C ALA B 294 -18.94 35.18 5.99
N ASP B 295 -19.18 34.26 6.93
CA ASP B 295 -18.53 32.96 6.82
C ASP B 295 -19.19 32.12 5.73
N ALA B 296 -20.50 32.26 5.52
CA ALA B 296 -21.14 31.58 4.39
C ALA B 296 -20.62 32.13 3.07
N TYR B 297 -20.39 33.45 3.00
CA TYR B 297 -19.75 34.05 1.84
C TYR B 297 -18.41 33.37 1.54
N ALA B 298 -17.53 33.33 2.54
CA ALA B 298 -16.21 32.73 2.39
C ALA B 298 -16.28 31.24 2.04
N ALA B 299 -17.35 30.57 2.42
CA ALA B 299 -17.50 29.15 2.11
C ALA B 299 -18.13 28.92 0.73
N GLY B 300 -18.36 29.97 -0.06
CA GLY B 300 -18.95 29.79 -1.38
C GLY B 300 -20.44 29.52 -1.41
N PHE B 301 -21.19 29.91 -0.37
CA PHE B 301 -22.64 29.77 -0.40
C PHE B 301 -23.27 30.87 -1.25
N PRO B 302 -24.51 30.69 -1.68
CA PRO B 302 -25.15 31.67 -2.57
C PRO B 302 -25.70 32.89 -1.82
N GLY B 303 -25.83 33.98 -2.57
CA GLY B 303 -26.49 35.18 -2.11
C GLY B 303 -25.64 36.42 -2.09
N PHE B 304 -24.33 36.34 -2.39
CA PHE B 304 -23.43 37.46 -2.18
C PHE B 304 -22.84 38.01 -3.47
N ASP B 305 -23.13 37.42 -4.63
CA ASP B 305 -22.33 37.72 -5.81
C ASP B 305 -22.59 39.11 -6.38
N ALA B 306 -23.68 39.77 -6.01
CA ALA B 306 -23.98 41.12 -6.47
C ALA B 306 -23.81 42.17 -5.39
N LEU B 307 -23.27 41.81 -4.23
CA LEU B 307 -23.14 42.76 -3.12
C LEU B 307 -21.99 43.73 -3.33
N GLY B 308 -21.07 43.43 -4.25
CA GLY B 308 -19.91 44.28 -4.45
C GLY B 308 -18.81 44.08 -3.42
N LEU B 309 -18.67 42.88 -2.86
CA LEU B 309 -17.66 42.63 -1.84
C LEU B 309 -16.29 42.38 -2.46
N PRO B 310 -15.22 42.50 -1.68
CA PRO B 310 -13.89 42.18 -2.22
C PRO B 310 -13.81 40.72 -2.64
N GLN B 311 -13.28 40.49 -3.83
CA GLN B 311 -13.09 39.13 -4.29
C GLN B 311 -12.13 38.41 -3.35
N PRO B 312 -12.18 37.09 -3.34
CA PRO B 312 -11.21 36.33 -2.55
C PRO B 312 -9.81 36.49 -3.13
N SER B 313 -8.83 36.47 -2.24
CA SER B 313 -7.43 36.40 -2.65
C SER B 313 -7.21 35.28 -3.65
N GLU B 314 -6.15 35.42 -4.47
CA GLU B 314 -5.77 34.30 -5.32
C GLU B 314 -5.27 33.13 -4.48
N GLU B 315 -4.74 33.40 -3.29
CA GLU B 315 -4.33 32.33 -2.37
C GLU B 315 -5.56 31.60 -1.83
N ALA B 316 -6.45 32.33 -1.16
CA ALA B 316 -7.62 31.70 -0.54
C ALA B 316 -8.53 31.04 -1.56
N GLN B 317 -8.50 31.50 -2.81
CA GLN B 317 -9.27 30.82 -3.84
C GLN B 317 -8.60 29.51 -4.27
N ALA B 318 -7.28 29.53 -4.42
CA ALA B 318 -6.54 28.29 -4.62
C ALA B 318 -6.78 27.32 -3.46
N GLU B 319 -6.65 27.81 -2.22
CA GLU B 319 -6.93 26.97 -1.05
C GLU B 319 -8.36 26.43 -1.11
N MET B 320 -9.32 27.24 -1.57
CA MET B 320 -10.67 26.74 -1.80
C MET B 320 -10.74 25.86 -3.04
N ASP B 321 -9.78 25.97 -3.95
CA ASP B 321 -9.79 25.21 -5.19
C ASP B 321 -8.97 23.93 -5.13
N GLU B 322 -8.08 23.79 -4.15
CA GLU B 322 -7.27 22.59 -4.05
C GLU B 322 -8.17 21.36 -4.03
N PRO B 323 -7.91 20.36 -4.85
CA PRO B 323 -8.74 19.15 -4.81
C PRO B 323 -8.60 18.44 -3.47
N TYR B 324 -9.71 17.94 -2.97
CA TYR B 324 -9.79 17.34 -1.62
C TYR B 324 -9.50 15.85 -1.75
N ILE B 325 -8.25 15.54 -2.08
CA ILE B 325 -7.84 14.18 -2.42
C ILE B 325 -6.80 13.61 -1.48
N TYR B 326 -6.38 14.35 -0.45
CA TYR B 326 -5.25 13.89 0.36
C TYR B 326 -5.82 13.05 1.49
N HIS B 327 -6.15 11.80 1.15
CA HIS B 327 -6.97 10.95 2.00
C HIS B 327 -6.39 9.55 2.04
N PHE B 328 -5.85 9.17 3.20
CA PHE B 328 -5.51 7.76 3.44
C PHE B 328 -6.79 6.94 3.55
N PRO B 329 -6.75 5.64 3.24
CA PRO B 329 -7.97 4.83 3.38
C PRO B 329 -8.59 4.85 4.77
N ASP B 330 -7.79 5.01 5.82
CA ASP B 330 -8.32 5.17 7.16
C ASP B 330 -8.21 6.62 7.64
N GLY B 331 -8.19 7.58 6.71
CA GLY B 331 -8.15 8.96 7.11
C GLY B 331 -6.82 9.32 7.75
N ASN B 332 -6.86 10.35 8.58
CA ASN B 332 -5.65 10.83 9.22
C ASN B 332 -5.16 9.91 10.33
N ALA B 333 -5.90 8.84 10.63
CA ALA B 333 -5.35 7.80 11.49
C ALA B 333 -4.06 7.24 10.92
N SER B 334 -3.87 7.35 9.61
CA SER B 334 -2.56 6.98 9.05
C SER B 334 -1.46 7.88 9.58
N LEU B 335 -1.71 9.19 9.72
CA LEU B 335 -0.70 10.07 10.29
C LEU B 335 -0.33 9.62 11.69
N ALA B 336 -1.35 9.35 12.51
CA ALA B 336 -1.10 8.88 13.86
C ALA B 336 -0.31 7.57 13.82
N ARG B 337 -0.75 6.62 12.99
CA ARG B 337 -0.06 5.34 12.91
C ARG B 337 1.37 5.50 12.41
N LEU B 338 1.59 6.36 11.42
CA LEU B 338 2.96 6.61 10.96
C LEU B 338 3.82 7.16 12.08
N MET B 339 3.27 8.06 12.88
CA MET B 339 4.07 8.62 13.96
C MET B 339 4.37 7.56 15.01
N VAL B 340 3.37 6.75 15.37
CA VAL B 340 3.60 5.71 16.37
C VAL B 340 4.64 4.70 15.88
N ARG B 341 4.54 4.27 14.63
CA ARG B 341 5.54 3.33 14.13
C ARG B 341 6.92 3.96 14.12
N ASP B 342 7.00 5.26 13.84
CA ASP B 342 8.30 5.92 13.85
C ASP B 342 8.84 6.12 15.26
N LEU B 343 7.94 6.27 16.25
CA LEU B 343 8.36 6.46 17.64
C LEU B 343 8.63 5.15 18.37
N ILE B 344 7.90 4.09 18.01
CA ILE B 344 7.95 2.81 18.72
C ILE B 344 8.06 1.73 17.65
N PRO B 345 9.23 1.53 17.04
CA PRO B 345 9.28 0.68 15.84
C PRO B 345 8.89 -0.76 16.08
N ALA B 346 8.93 -1.25 17.33
CA ALA B 346 8.48 -2.62 17.57
C ALA B 346 6.99 -2.82 17.26
N VAL B 347 6.19 -1.75 17.20
CA VAL B 347 4.74 -1.94 17.00
C VAL B 347 4.44 -2.58 15.65
N ALA B 348 5.22 -2.27 14.61
CA ALA B 348 4.85 -2.69 13.26
C ALA B 348 6.03 -2.58 12.31
N PRO B 349 6.15 -3.46 11.33
CA PRO B 349 7.26 -3.37 10.38
C PRO B 349 6.99 -2.35 9.28
N GLY B 350 8.02 -2.08 8.49
CA GLY B 350 7.87 -1.25 7.31
C GLY B 350 8.17 0.22 7.56
N ARG B 351 8.07 0.98 6.46
CA ARG B 351 8.41 2.40 6.42
C ARG B 351 7.71 3.03 5.21
N GLY B 352 7.17 4.22 5.40
CA GLY B 352 6.60 4.99 4.32
C GLY B 352 5.07 4.97 4.30
N MET B 353 4.52 5.77 3.38
CA MET B 353 3.07 5.94 3.32
C MET B 353 2.36 4.77 2.67
N GLU B 354 3.06 3.97 1.85
CA GLU B 354 2.41 2.85 1.18
C GLU B 354 2.17 1.69 2.14
N ASP B 355 3.21 1.22 2.80
CA ASP B 355 2.99 0.02 3.61
C ASP B 355 2.34 0.30 4.97
N ILE B 356 2.16 1.56 5.39
CA ILE B 356 1.47 1.80 6.66
C ILE B 356 0.02 1.35 6.58
N VAL B 357 -0.57 1.41 5.38
CA VAL B 357 -2.02 1.27 5.26
C VAL B 357 -2.47 -0.10 5.77
N MET B 358 -1.76 -1.18 5.38
CA MET B 358 -2.08 -2.54 5.79
C MET B 358 -1.09 -3.11 6.81
N ALA B 359 -0.22 -2.28 7.41
CA ALA B 359 0.68 -2.80 8.43
C ALA B 359 -0.10 -3.30 9.63
N ARG B 360 0.35 -4.41 10.20
CA ARG B 360 -0.27 -5.01 11.36
C ARG B 360 0.39 -4.43 12.62
N PHE B 361 -0.40 -3.70 13.42
CA PHE B 361 0.13 -3.08 14.63
C PHE B 361 -0.03 -4.05 15.81
N ASP B 362 1.07 -4.31 16.52
CA ASP B 362 1.08 -5.16 17.70
C ASP B 362 0.97 -4.26 18.92
N TYR B 363 -0.25 -4.15 19.45
CA TYR B 363 -0.48 -3.23 20.56
C TYR B 363 0.25 -3.66 21.83
N SER B 364 0.63 -4.94 21.95
CA SER B 364 1.39 -5.40 23.10
C SER B 364 2.79 -4.81 23.17
N LYS B 365 3.27 -4.12 22.13
CA LYS B 365 4.60 -3.52 22.11
C LYS B 365 4.58 -2.02 22.38
N LEU B 366 3.43 -1.45 22.73
CA LEU B 366 3.33 0.01 22.81
C LEU B 366 3.97 0.60 24.06
N ASP B 367 4.09 -0.19 25.13
CA ASP B 367 4.34 0.31 26.48
C ASP B 367 5.33 -0.60 27.22
N LEU B 368 6.53 -0.78 26.68
CA LEU B 368 7.51 -1.69 27.26
C LEU B 368 8.68 -0.92 27.86
N ALA B 369 9.12 -1.35 29.05
CA ALA B 369 10.31 -0.77 29.69
C ALA B 369 11.57 -0.87 28.83
N GLY B 370 11.63 -1.79 27.86
CA GLY B 370 12.78 -1.83 26.98
C GLY B 370 12.90 -0.69 25.98
N HIS B 371 11.87 0.16 25.84
CA HIS B 371 11.97 1.19 24.84
C HIS B 371 11.92 2.58 25.46
N PRO B 372 12.66 3.54 24.89
CA PRO B 372 12.62 4.89 25.45
C PRO B 372 11.28 5.58 25.33
N VAL B 373 10.47 5.26 24.32
CA VAL B 373 9.14 5.86 24.14
C VAL B 373 8.08 4.83 24.49
N ARG B 374 7.17 5.22 25.37
CA ARG B 374 6.09 4.35 25.84
C ARG B 374 4.78 5.08 25.64
N LEU B 375 3.79 4.38 25.08
CA LEU B 375 2.43 4.90 24.87
C LEU B 375 1.48 4.08 25.71
N ARG B 376 0.86 4.70 26.71
CA ARG B 376 0.10 4.02 27.76
C ARG B 376 -1.39 4.34 27.57
N LEU B 377 -2.14 3.35 27.09
CA LEU B 377 -3.53 3.57 26.73
C LEU B 377 -4.43 3.36 27.93
N ASN B 378 -5.71 3.69 27.77
CA ASN B 378 -6.72 3.50 28.82
C ASN B 378 -6.32 4.19 30.13
N SER B 379 -5.67 5.35 30.04
CA SER B 379 -5.13 6.04 31.19
C SER B 379 -5.52 7.50 31.16
N THR B 380 -6.21 7.95 32.21
CA THR B 380 -6.68 9.32 32.36
C THR B 380 -5.77 10.06 33.34
N ALA B 381 -5.00 11.01 32.84
CA ALA B 381 -4.27 11.91 33.73
C ALA B 381 -5.26 12.68 34.59
N VAL B 382 -4.93 12.82 35.88
CA VAL B 382 -5.79 13.53 36.82
C VAL B 382 -5.08 14.68 37.51
N SER B 383 -3.75 14.79 37.39
CA SER B 383 -3.01 15.75 38.20
C SER B 383 -1.69 16.05 37.51
N VAL B 384 -1.39 17.33 37.34
CA VAL B 384 -0.13 17.78 36.77
C VAL B 384 0.36 18.93 37.66
N ARG B 385 1.62 18.86 38.10
CA ARG B 385 2.14 19.81 39.07
C ARG B 385 3.64 20.02 38.88
N ASN B 386 4.04 21.29 38.79
CA ASN B 386 5.47 21.64 38.82
C ASN B 386 6.03 21.40 40.22
N ARG B 387 7.18 20.75 40.30
CA ARG B 387 7.85 20.56 41.59
C ARG B 387 9.32 20.29 41.37
N ALA B 388 10.18 21.06 42.05
CA ALA B 388 11.62 20.80 42.11
C ALA B 388 12.24 20.68 40.73
N GLY B 389 11.89 21.63 39.85
CA GLY B 389 12.45 21.62 38.52
C GLY B 389 11.94 20.54 37.60
N GLY B 390 10.90 19.80 38.00
CA GLY B 390 10.29 18.80 37.15
C GLY B 390 8.77 18.87 37.18
N VAL B 391 8.11 17.85 36.64
CA VAL B 391 6.65 17.78 36.64
C VAL B 391 6.24 16.42 37.16
N ASP B 392 5.38 16.41 38.17
CA ASP B 392 4.74 15.20 38.68
C ASP B 392 3.35 15.02 38.02
N VAL B 393 3.09 13.84 37.48
CA VAL B 393 1.86 13.56 36.74
C VAL B 393 1.16 12.38 37.40
N GLY B 394 -0.09 12.56 37.78
CA GLY B 394 -0.91 11.48 38.29
C GLY B 394 -1.89 11.06 37.21
N TYR B 395 -2.13 9.75 37.12
CA TYR B 395 -3.14 9.27 36.21
C TYR B 395 -3.85 8.07 36.82
N SER B 396 -4.97 7.74 36.22
CA SER B 396 -5.82 6.64 36.64
C SER B 396 -5.86 5.61 35.52
N ARG B 397 -5.70 4.36 35.87
CA ARG B 397 -5.81 3.28 34.91
C ARG B 397 -6.43 2.08 35.61
N ALA B 398 -7.48 1.54 34.99
CA ALA B 398 -8.21 0.40 35.51
C ALA B 398 -8.67 0.69 36.94
N GLY B 399 -9.03 1.95 37.19
CA GLY B 399 -9.49 2.35 38.50
C GLY B 399 -8.42 2.53 39.56
N ARG B 400 -7.14 2.46 39.21
CA ARG B 400 -6.05 2.63 40.16
C ARG B 400 -5.23 3.88 39.83
N LEU B 401 -4.89 4.67 40.85
CA LEU B 401 -4.08 5.86 40.66
C LEU B 401 -2.60 5.52 40.58
N HIS B 402 -1.88 6.30 39.75
CA HIS B 402 -0.45 6.16 39.57
C HIS B 402 0.19 7.53 39.56
N ARG B 403 1.48 7.57 39.90
CA ARG B 403 2.26 8.80 39.91
C ARG B 403 3.56 8.57 39.16
N VAL B 404 3.84 9.43 38.18
CA VAL B 404 5.09 9.43 37.45
C VAL B 404 5.65 10.84 37.43
N ARG B 405 6.83 11.00 36.83
CA ARG B 405 7.53 12.27 36.87
C ARG B 405 8.31 12.49 35.57
N GLY B 406 8.27 13.72 35.07
CA GLY B 406 9.08 14.10 33.94
C GLY B 406 9.85 15.37 34.23
N LYS B 407 10.88 15.61 33.43
CA LYS B 407 11.52 16.91 33.44
C LYS B 407 10.60 17.95 32.84
N HIS B 408 9.88 17.56 31.79
CA HIS B 408 8.99 18.42 31.04
C HIS B 408 7.65 17.72 30.81
N CYS B 409 6.62 18.52 30.56
CA CYS B 409 5.30 17.96 30.29
C CYS B 409 4.61 18.77 29.21
N VAL B 410 4.03 18.09 28.22
CA VAL B 410 3.13 18.75 27.28
C VAL B 410 1.72 18.22 27.49
N MET B 411 0.80 19.13 27.77
CA MET B 411 -0.61 18.78 27.84
C MET B 411 -1.18 18.92 26.43
N ALA B 412 -1.32 17.80 25.73
CA ALA B 412 -1.87 17.78 24.39
C ALA B 412 -3.30 17.26 24.36
N CYS B 413 -3.99 17.30 25.50
CA CYS B 413 -5.36 16.86 25.64
C CYS B 413 -6.30 18.02 25.35
N TYR B 414 -7.61 17.77 25.45
CA TYR B 414 -8.62 18.82 25.32
C TYR B 414 -8.29 19.98 26.25
N ASN B 415 -8.34 21.20 25.72
CA ASN B 415 -7.96 22.36 26.53
C ASN B 415 -8.95 22.59 27.69
N MET B 416 -10.26 22.36 27.44
CA MET B 416 -11.25 22.37 28.52
C MET B 416 -10.88 21.42 29.67
N MET B 417 -10.13 20.35 29.38
CA MET B 417 -9.71 19.37 30.40
C MET B 417 -8.56 19.92 31.26
N VAL B 418 -7.74 20.80 30.68
CA VAL B 418 -6.54 21.25 31.38
C VAL B 418 -6.81 21.85 32.74
N PRO B 419 -7.82 22.72 32.95
CA PRO B 419 -8.03 23.29 34.29
C PRO B 419 -8.19 22.25 35.39
N TYR B 420 -8.74 21.08 35.08
CA TYR B 420 -8.94 20.04 36.08
C TYR B 420 -7.67 19.26 36.40
N LEU B 421 -6.61 19.43 35.62
CA LEU B 421 -5.36 18.71 35.81
C LEU B 421 -4.24 19.60 36.32
N LEU B 422 -4.03 20.74 35.67
CA LEU B 422 -2.85 21.55 35.91
C LEU B 422 -3.08 22.37 37.17
N ARG B 423 -2.49 21.92 38.28
CA ARG B 423 -2.73 22.53 39.57
C ARG B 423 -2.10 23.93 39.71
N ASP B 424 -1.18 24.32 38.82
CA ASP B 424 -0.49 25.60 38.98
C ASP B 424 -1.15 26.75 38.19
N LEU B 425 -2.38 26.57 37.71
CA LEU B 425 -3.02 27.56 36.84
C LEU B 425 -3.56 28.73 37.63
N SER B 426 -3.40 29.93 37.08
CA SER B 426 -4.16 31.07 37.56
C SER B 426 -5.63 30.89 37.20
N GLU B 427 -6.50 31.59 37.93
CA GLU B 427 -7.92 31.56 37.64
C GLU B 427 -8.22 32.13 36.26
N GLU B 428 -7.41 33.10 35.84
CA GLU B 428 -7.59 33.76 34.55
C GLU B 428 -7.28 32.81 33.40
N GLN B 429 -6.14 32.11 33.48
CA GLN B 429 -5.80 31.16 32.41
C GLN B 429 -6.71 29.94 32.46
N ALA B 430 -7.05 29.47 33.66
CA ALA B 430 -8.03 28.39 33.76
C ALA B 430 -9.33 28.76 33.06
N HIS B 431 -9.80 29.99 33.28
CA HIS B 431 -11.03 30.42 32.66
C HIS B 431 -10.91 30.48 31.13
N ALA B 432 -9.79 31.00 30.64
CA ALA B 432 -9.55 31.07 29.20
C ALA B 432 -9.54 29.69 28.55
N LEU B 433 -8.96 28.71 29.22
CA LEU B 433 -8.96 27.35 28.67
C LEU B 433 -10.37 26.77 28.60
N SER B 434 -11.20 27.05 29.61
CA SER B 434 -12.57 26.52 29.64
C SER B 434 -13.45 27.12 28.55
N GLN B 435 -13.07 28.27 28.01
CA GLN B 435 -13.81 28.92 26.93
C GLN B 435 -13.70 28.19 25.59
N ASN B 436 -12.75 27.26 25.44
CA ASN B 436 -12.74 26.44 24.22
C ASN B 436 -13.74 25.32 24.41
N VAL B 437 -14.98 25.60 24.03
CA VAL B 437 -16.05 24.61 24.09
C VAL B 437 -16.07 23.89 22.75
N LYS B 438 -15.77 22.60 22.77
CA LYS B 438 -15.66 21.83 21.55
C LYS B 438 -17.03 21.42 21.05
N PHE B 439 -17.10 21.05 19.75
CA PHE B 439 -18.35 20.75 19.08
C PHE B 439 -18.54 19.24 18.97
N PRO B 440 -19.72 18.73 19.32
CA PRO B 440 -20.00 17.30 19.13
C PRO B 440 -20.33 16.96 17.68
N LEU B 441 -19.93 15.75 17.29
CA LEU B 441 -20.27 15.17 15.99
C LEU B 441 -20.17 13.66 16.09
N VAL B 442 -20.83 12.99 15.16
CA VAL B 442 -20.84 11.54 15.07
C VAL B 442 -20.50 11.17 13.63
N TYR B 443 -19.39 10.45 13.43
CA TYR B 443 -19.03 9.84 12.14
C TYR B 443 -19.43 8.37 12.20
N THR B 444 -20.39 7.97 11.39
CA THR B 444 -20.86 6.58 11.40
C THR B 444 -20.40 5.87 10.13
N LYS B 445 -19.87 4.66 10.29
CA LYS B 445 -19.48 3.82 9.16
C LYS B 445 -20.47 2.67 9.04
N VAL B 446 -21.00 2.46 7.85
CA VAL B 446 -21.92 1.36 7.57
C VAL B 446 -21.29 0.46 6.51
N LEU B 447 -21.24 -0.84 6.79
CA LEU B 447 -20.82 -1.82 5.82
C LEU B 447 -22.06 -2.30 5.04
N LEU B 448 -22.04 -2.15 3.73
CA LEU B 448 -23.15 -2.60 2.89
C LEU B 448 -22.77 -3.88 2.17
N ARG B 449 -23.74 -4.81 2.07
CA ARG B 449 -23.57 -6.04 1.29
C ARG B 449 -23.18 -5.75 -0.14
N ASN B 450 -23.75 -4.71 -0.72
CA ASN B 450 -23.49 -4.28 -2.09
C ASN B 450 -23.97 -2.83 -2.18
N TRP B 451 -23.72 -2.19 -3.31
CA TRP B 451 -24.24 -0.84 -3.44
C TRP B 451 -25.00 -0.68 -4.75
N GLN B 452 -25.73 -1.73 -5.15
CA GLN B 452 -26.56 -1.63 -6.34
C GLN B 452 -27.62 -0.55 -6.20
N ALA B 453 -28.18 -0.38 -4.99
CA ALA B 453 -29.17 0.68 -4.79
C ALA B 453 -28.60 2.05 -5.12
N TRP B 454 -27.36 2.33 -4.70
CA TRP B 454 -26.72 3.61 -5.04
C TRP B 454 -26.52 3.73 -6.54
N LYS B 455 -26.03 2.66 -7.18
CA LYS B 455 -25.79 2.70 -8.62
C LYS B 455 -27.10 2.91 -9.39
N THR B 456 -28.13 2.14 -9.03
CA THR B 456 -29.45 2.31 -9.64
C THR B 456 -29.95 3.74 -9.50
N LEU B 457 -29.86 4.30 -8.29
CA LEU B 457 -30.29 5.67 -8.05
C LEU B 457 -29.30 6.69 -8.61
N GLY B 458 -28.14 6.27 -9.10
CA GLY B 458 -27.24 7.19 -9.77
C GLY B 458 -26.55 8.21 -8.88
N ILE B 459 -26.33 7.88 -7.61
CA ILE B 459 -25.78 8.79 -6.62
C ILE B 459 -24.58 8.14 -5.92
N HIS B 460 -23.59 8.96 -5.59
CA HIS B 460 -22.54 8.57 -4.67
C HIS B 460 -22.56 9.34 -3.35
N GLU B 461 -23.31 10.44 -3.24
CA GLU B 461 -23.38 11.19 -1.99
C GLU B 461 -24.72 11.91 -1.86
N ILE B 462 -25.23 11.98 -0.62
CA ILE B 462 -26.54 12.54 -0.32
C ILE B 462 -26.41 13.60 0.77
N TYR B 463 -27.03 14.76 0.53
CA TYR B 463 -27.25 15.76 1.56
C TYR B 463 -28.70 15.67 2.02
N ALA B 464 -28.91 15.52 3.33
CA ALA B 464 -30.26 15.46 3.89
C ALA B 464 -30.49 16.65 4.81
N PRO B 465 -31.19 17.68 4.35
CA PRO B 465 -31.27 18.94 5.12
C PRO B 465 -31.93 18.82 6.50
N THR B 466 -32.91 17.94 6.69
CA THR B 466 -33.68 17.92 7.94
C THR B 466 -33.75 16.53 8.55
N LEU B 467 -32.76 15.70 8.34
CA LEU B 467 -32.70 14.44 9.05
C LEU B 467 -31.46 14.44 9.93
N PRO B 468 -31.38 13.55 10.92
CA PRO B 468 -30.21 13.55 11.82
C PRO B 468 -28.89 13.44 11.07
N TYR B 469 -28.75 12.49 10.14
CA TYR B 469 -27.55 12.40 9.30
C TYR B 469 -27.74 13.30 8.10
N SER B 470 -26.98 14.39 8.03
CA SER B 470 -27.11 15.36 6.96
C SER B 470 -26.17 15.09 5.78
N ARG B 471 -25.16 14.25 5.95
CA ARG B 471 -24.25 13.87 4.88
C ARG B 471 -24.14 12.36 4.88
N ILE B 472 -24.38 11.73 3.74
CA ILE B 472 -24.34 10.28 3.59
C ILE B 472 -23.68 9.96 2.25
N LYS B 473 -22.63 9.14 2.26
CA LYS B 473 -21.88 8.97 1.02
C LYS B 473 -21.15 7.64 0.97
N LEU B 474 -21.03 7.09 -0.25
CA LEU B 474 -20.06 6.04 -0.50
C LEU B 474 -18.67 6.60 -0.18
N ASP B 475 -17.81 5.77 0.42
CA ASP B 475 -16.55 6.27 0.96
C ASP B 475 -15.59 6.66 -0.18
N PHE B 476 -14.70 7.62 0.11
CA PHE B 476 -13.71 8.02 -0.89
C PHE B 476 -13.06 6.77 -1.49
N PRO B 477 -12.83 6.72 -2.83
CA PRO B 477 -12.17 5.55 -3.44
C PRO B 477 -10.67 5.72 -3.57
N VAL B 478 -9.92 5.19 -2.61
CA VAL B 478 -8.47 5.36 -2.55
C VAL B 478 -7.79 4.00 -2.59
N ASP B 479 -6.85 3.83 -3.53
CA ASP B 479 -5.94 2.69 -3.58
C ASP B 479 -4.58 3.16 -3.08
N LEU B 480 -4.07 2.52 -2.03
CA LEU B 480 -2.78 2.91 -1.48
C LEU B 480 -2.11 1.69 -0.89
N GLY B 481 -0.81 1.55 -1.17
CA GLY B 481 -0.12 0.35 -0.72
C GLY B 481 -0.81 -0.87 -1.29
N SER B 482 -1.01 -1.87 -0.44
CA SER B 482 -1.70 -3.07 -0.89
C SER B 482 -3.21 -2.96 -0.74
N TYR B 483 -3.72 -1.82 -0.28
CA TYR B 483 -5.16 -1.62 -0.12
C TYR B 483 -5.81 -1.20 -1.45
N ARG B 484 -6.90 -1.85 -1.81
CA ARG B 484 -7.66 -1.56 -3.03
C ARG B 484 -9.08 -1.17 -2.65
N HIS B 485 -9.54 -0.02 -3.16
CA HIS B 485 -10.88 0.43 -2.79
C HIS B 485 -11.94 -0.47 -3.45
N PRO B 486 -13.07 -0.70 -2.78
CA PRO B 486 -14.13 -1.53 -3.39
C PRO B 486 -14.58 -0.93 -4.71
N ARG B 487 -14.85 -1.81 -5.65
CA ARG B 487 -15.09 -1.44 -7.04
C ARG B 487 -16.39 -1.97 -7.61
N ASP B 488 -16.80 -3.16 -7.21
CA ASP B 488 -17.89 -3.89 -7.88
C ASP B 488 -19.19 -3.65 -7.14
N PRO B 489 -20.21 -3.06 -7.76
CA PRO B 489 -21.45 -2.75 -7.03
C PRO B 489 -22.15 -3.97 -6.45
N ARG B 490 -21.87 -5.18 -6.94
CA ARG B 490 -22.44 -6.41 -6.39
C ARG B 490 -21.73 -6.88 -5.11
N GLN B 491 -20.60 -6.26 -4.76
CA GLN B 491 -19.78 -6.60 -3.60
C GLN B 491 -19.83 -5.51 -2.52
N PRO B 492 -19.32 -5.81 -1.31
CA PRO B 492 -19.46 -4.87 -0.19
C PRO B 492 -18.71 -3.57 -0.40
N ILE B 493 -19.11 -2.57 0.39
CA ILE B 493 -18.51 -1.24 0.35
C ILE B 493 -18.83 -0.54 1.66
N GLY B 494 -17.99 0.43 2.01
CA GLY B 494 -18.20 1.23 3.21
C GLY B 494 -18.94 2.52 2.89
N VAL B 495 -19.87 2.87 3.76
CA VAL B 495 -20.59 4.13 3.71
C VAL B 495 -20.18 4.99 4.89
N HIS B 496 -20.02 6.28 4.64
CA HIS B 496 -19.71 7.29 5.66
C HIS B 496 -20.94 8.19 5.83
N MET B 497 -21.34 8.44 7.07
CA MET B 497 -22.51 9.28 7.38
C MET B 497 -22.19 10.19 8.57
N VAL B 498 -22.60 11.45 8.49
CA VAL B 498 -22.31 12.44 9.53
C VAL B 498 -23.61 12.89 10.20
N TYR B 499 -23.63 12.87 11.53
CA TYR B 499 -24.76 13.36 12.32
C TYR B 499 -24.22 14.35 13.32
N VAL B 500 -24.72 15.57 13.27
CA VAL B 500 -24.37 16.63 14.21
C VAL B 500 -25.60 16.99 15.03
N PRO B 501 -25.53 16.97 16.36
CA PRO B 501 -26.72 17.17 17.20
C PRO B 501 -27.01 18.64 17.53
N THR B 502 -27.05 19.49 16.50
CA THR B 502 -27.33 20.91 16.69
C THR B 502 -28.75 21.12 17.20
N THR B 503 -29.00 22.31 17.74
CA THR B 503 -30.33 22.73 18.18
C THR B 503 -30.64 24.07 17.53
N PRO B 504 -31.09 24.05 16.28
CA PRO B 504 -31.26 25.32 15.57
C PRO B 504 -32.48 26.09 16.06
N ASN B 505 -32.37 27.42 15.99
CA ASN B 505 -33.51 28.32 16.17
C ASN B 505 -34.11 28.22 17.57
N ALA B 506 -33.24 28.09 18.58
CA ALA B 506 -33.65 28.03 19.97
C ALA B 506 -32.96 29.11 20.81
N GLY B 507 -32.57 30.21 20.18
CA GLY B 507 -31.87 31.25 20.91
C GLY B 507 -30.50 30.88 21.44
N MET B 508 -29.95 29.72 21.04
CA MET B 508 -28.67 29.24 21.56
C MET B 508 -27.51 29.69 20.70
N ASP B 509 -26.46 30.20 21.35
CA ASP B 509 -25.22 30.53 20.68
C ASP B 509 -24.40 29.24 20.42
N ALA B 510 -23.24 29.41 19.78
CA ALA B 510 -22.43 28.26 19.38
C ALA B 510 -21.97 27.44 20.58
N ARG B 511 -21.55 28.10 21.67
CA ARG B 511 -21.10 27.35 22.85
C ARG B 511 -22.26 26.57 23.47
N THR B 512 -23.44 27.19 23.54
CA THR B 512 -24.60 26.51 24.12
C THR B 512 -25.05 25.32 23.26
N GLN B 513 -25.08 25.49 21.94
CA GLN B 513 -25.49 24.38 21.09
C GLN B 513 -24.52 23.20 21.22
N ALA B 514 -23.23 23.51 21.39
CA ALA B 514 -22.24 22.46 21.58
C ALA B 514 -22.49 21.71 22.89
N ARG B 515 -22.73 22.43 23.99
CA ARG B 515 -22.97 21.78 25.27
C ARG B 515 -24.26 20.98 25.23
N VAL B 516 -25.32 21.60 24.70
CA VAL B 516 -26.61 20.94 24.58
C VAL B 516 -26.50 19.75 23.63
N GLY B 517 -25.74 19.88 22.54
CA GLY B 517 -25.53 18.73 21.67
C GLY B 517 -24.96 17.54 22.40
N ARG B 518 -23.99 17.80 23.28
CA ARG B 518 -23.33 16.73 24.02
C ARG B 518 -24.29 16.05 24.99
N SER B 519 -25.16 16.83 25.64
CA SER B 519 -26.15 16.23 26.53
C SER B 519 -27.10 15.34 25.74
N LYS B 520 -27.46 15.75 24.51
CA LYS B 520 -28.30 14.89 23.67
C LYS B 520 -27.59 13.58 23.36
N LEU B 521 -26.30 13.64 23.02
CA LEU B 521 -25.55 12.40 22.76
C LEU B 521 -25.46 11.55 24.03
N TYR B 522 -25.26 12.19 25.18
CA TYR B 522 -25.11 11.43 26.42
C TYR B 522 -26.38 10.67 26.76
N ALA B 523 -27.53 11.17 26.31
CA ALA B 523 -28.82 10.55 26.59
C ALA B 523 -29.15 9.38 25.66
N MET B 524 -28.37 9.15 24.59
CA MET B 524 -28.77 8.25 23.52
C MET B 524 -28.15 6.88 23.69
N SER B 525 -28.99 5.85 23.68
CA SER B 525 -28.45 4.50 23.76
C SER B 525 -27.93 4.07 22.40
N PHE B 526 -27.15 3.00 22.39
CA PHE B 526 -26.71 2.44 21.13
C PHE B 526 -27.89 2.10 20.23
N GLU B 527 -28.97 1.56 20.81
CA GLU B 527 -30.12 1.21 19.99
C GLU B 527 -30.74 2.44 19.35
N GLN B 528 -30.85 3.55 20.10
CA GLN B 528 -31.39 4.77 19.49
C GLN B 528 -30.51 5.24 18.34
N LEU B 529 -29.19 5.22 18.55
CA LEU B 529 -28.28 5.57 17.47
C LEU B 529 -28.49 4.67 16.25
N GLU B 530 -28.52 3.36 16.47
CA GLU B 530 -28.67 2.42 15.34
C GLU B 530 -30.03 2.55 14.64
N LYS B 531 -31.09 2.85 15.38
CA LYS B 531 -32.38 3.10 14.76
C LYS B 531 -32.32 4.25 13.76
N ASP B 532 -31.70 5.37 14.15
CA ASP B 532 -31.60 6.50 13.23
C ASP B 532 -30.82 6.11 11.97
N ILE B 533 -29.79 5.30 12.12
CA ILE B 533 -29.04 4.85 10.95
C ILE B 533 -29.94 4.02 10.04
N ARG B 534 -30.62 3.03 10.62
CA ARG B 534 -31.39 2.09 9.82
C ARG B 534 -32.61 2.75 9.19
N ASP B 535 -33.35 3.56 9.96
CA ASP B 535 -34.52 4.25 9.41
C ASP B 535 -34.14 5.18 8.27
N GLN B 536 -32.98 5.85 8.36
CA GLN B 536 -32.68 6.84 7.32
C GLN B 536 -32.20 6.18 6.04
N LEU B 537 -31.27 5.21 6.13
CA LEU B 537 -30.85 4.50 4.92
C LEU B 537 -32.03 3.81 4.23
N GLN B 538 -32.98 3.31 5.01
CA GLN B 538 -34.13 2.64 4.41
C GLN B 538 -35.03 3.62 3.66
N ALA B 539 -35.28 4.80 4.25
CA ALA B 539 -36.12 5.78 3.58
C ALA B 539 -35.47 6.28 2.29
N MET B 540 -34.15 6.43 2.27
CA MET B 540 -33.44 6.99 1.13
C MET B 540 -33.15 5.98 0.04
N LEU B 541 -32.72 4.77 0.40
CA LEU B 541 -32.34 3.76 -0.57
C LEU B 541 -33.43 2.73 -0.82
N GLY B 542 -34.45 2.70 0.03
CA GLY B 542 -35.53 1.75 -0.05
C GLY B 542 -36.17 1.59 -1.42
N PRO B 543 -36.54 2.69 -2.08
CA PRO B 543 -37.30 2.54 -3.33
C PRO B 543 -36.53 1.80 -4.41
N ALA B 544 -35.21 1.66 -4.27
CA ALA B 544 -34.41 0.94 -5.26
C ALA B 544 -34.07 -0.49 -4.81
N GLY B 545 -34.79 -1.02 -3.82
CA GLY B 545 -34.62 -2.40 -3.43
C GLY B 545 -33.88 -2.62 -2.13
N PHE B 546 -33.31 -1.57 -1.55
CA PHE B 546 -32.56 -1.69 -0.30
C PHE B 546 -33.45 -2.25 0.81
N ASP B 547 -32.90 -3.19 1.57
CA ASP B 547 -33.56 -3.75 2.76
C ASP B 547 -32.53 -3.73 3.87
N HIS B 548 -32.71 -2.82 4.83
CA HIS B 548 -31.67 -2.58 5.82
C HIS B 548 -31.35 -3.83 6.63
N ARG B 549 -32.34 -4.67 6.91
CA ARG B 549 -32.09 -5.87 7.70
C ARG B 549 -31.07 -6.78 7.00
N ARG B 550 -31.23 -6.95 5.70
CA ARG B 550 -30.39 -7.85 4.90
C ARG B 550 -29.15 -7.16 4.30
N ASP B 551 -29.16 -5.85 4.06
CA ASP B 551 -28.07 -5.26 3.30
C ASP B 551 -27.00 -4.59 4.18
N ILE B 552 -27.35 -4.18 5.40
CA ILE B 552 -26.37 -3.68 6.36
C ILE B 552 -25.72 -4.86 7.05
N THR B 553 -24.41 -5.00 6.84
CA THR B 553 -23.64 -6.10 7.43
C THR B 553 -22.65 -5.60 8.49
N GLY B 554 -22.69 -4.31 8.86
CA GLY B 554 -21.84 -3.84 9.93
C GLY B 554 -22.03 -2.36 10.19
N ILE B 555 -21.85 -1.93 11.45
CA ILE B 555 -22.04 -0.53 11.82
C ILE B 555 -21.01 -0.15 12.89
N THR B 556 -20.32 0.96 12.67
CA THR B 556 -19.41 1.52 13.65
C THR B 556 -19.77 2.98 13.83
N VAL B 557 -20.22 3.32 15.03
CA VAL B 557 -20.59 4.69 15.39
C VAL B 557 -19.43 5.31 16.16
N ASN B 558 -18.75 6.27 15.54
CA ASN B 558 -17.70 7.03 16.20
C ASN B 558 -18.34 8.28 16.79
N ARG B 559 -18.57 8.23 18.09
CA ARG B 559 -19.23 9.30 18.84
C ARG B 559 -18.16 10.27 19.32
N TRP B 560 -18.03 11.42 18.65
CA TRP B 560 -17.06 12.45 19.08
C TRP B 560 -17.79 13.54 19.84
N SER B 561 -18.04 13.26 21.13
CA SER B 561 -18.75 14.20 21.98
C SER B 561 -17.98 15.51 22.12
N HIS B 562 -16.65 15.43 22.22
CA HIS B 562 -15.77 16.59 22.23
C HIS B 562 -14.97 16.55 20.94
N GLY B 563 -15.55 17.09 19.87
CA GLY B 563 -14.98 16.95 18.53
C GLY B 563 -14.17 18.15 18.08
N TYR B 564 -14.67 18.92 17.10
CA TYR B 564 -13.91 20.09 16.62
C TYR B 564 -13.64 21.07 17.75
N SER B 565 -12.41 21.60 17.76
CA SER B 565 -12.09 22.76 18.58
C SER B 565 -13.12 23.87 18.38
N TYR B 566 -13.34 24.66 19.43
CA TYR B 566 -14.08 25.90 19.26
C TYR B 566 -13.37 26.78 18.23
N PHE B 567 -14.15 27.61 17.53
CA PHE B 567 -13.59 28.61 16.63
C PHE B 567 -14.27 29.95 16.83
N MET B 568 -13.51 31.01 16.54
CA MET B 568 -13.97 32.37 16.77
C MET B 568 -15.12 32.71 15.83
N ASN B 569 -16.29 32.95 16.41
CA ASN B 569 -17.55 33.12 15.69
C ASN B 569 -17.98 34.57 15.87
N THR B 570 -17.94 35.36 14.79
CA THR B 570 -18.18 36.79 14.95
C THR B 570 -19.63 37.10 15.37
N LEU B 571 -20.56 36.14 15.27
CA LEU B 571 -21.88 36.39 15.84
C LEU B 571 -21.83 36.52 17.36
N TYR B 572 -20.89 35.82 18.02
CA TYR B 572 -20.89 35.70 19.48
C TYR B 572 -19.61 36.17 20.17
N ASP B 573 -18.49 36.24 19.45
CA ASP B 573 -17.19 36.56 20.00
C ASP B 573 -16.68 37.87 19.38
N ASP B 574 -15.75 38.51 20.06
CA ASP B 574 -15.01 39.64 19.52
C ASP B 574 -13.62 39.17 19.12
N GLU B 575 -13.13 39.67 17.97
CA GLU B 575 -11.93 39.07 17.39
C GLU B 575 -10.68 39.32 18.24
N ALA B 576 -10.49 40.55 18.71
CA ALA B 576 -9.28 40.85 19.47
C ALA B 576 -9.31 40.19 20.85
N GLU B 577 -10.46 40.21 21.53
CA GLU B 577 -10.56 39.59 22.84
C GLU B 577 -10.35 38.09 22.76
N SER B 578 -11.00 37.42 21.80
CA SER B 578 -10.82 35.99 21.61
C SER B 578 -9.35 35.66 21.34
N GLU B 579 -8.71 36.49 20.52
CA GLU B 579 -7.27 36.33 20.29
C GLU B 579 -6.50 36.41 21.60
N ALA B 580 -6.84 37.38 22.45
CA ALA B 580 -6.15 37.47 23.72
C ALA B 580 -6.49 36.28 24.62
N LEU B 581 -7.76 35.86 24.62
CA LEU B 581 -8.14 34.68 25.39
C LEU B 581 -7.31 33.47 25.00
N MET B 582 -7.24 33.17 23.70
CA MET B 582 -6.56 31.95 23.28
C MET B 582 -5.06 32.06 23.55
N GLU B 583 -4.50 33.25 23.40
CA GLU B 583 -3.11 33.49 23.76
C GLU B 583 -2.88 33.25 25.25
N LEU B 584 -3.80 33.75 26.09
CA LEU B 584 -3.69 33.49 27.52
C LEU B 584 -3.83 32.00 27.83
N ALA B 585 -4.83 31.36 27.23
CA ALA B 585 -5.12 29.95 27.54
C ALA B 585 -3.90 29.06 27.39
N ARG B 586 -3.07 29.31 26.36
CA ARG B 586 -1.97 28.40 26.03
C ARG B 586 -0.63 28.85 26.60
N SER B 587 -0.62 29.84 27.50
CA SER B 587 0.63 30.30 28.09
C SER B 587 1.29 29.16 28.88
N LYS B 588 2.60 28.99 28.68
CA LYS B 588 3.37 28.01 29.41
C LYS B 588 3.29 28.26 30.91
N VAL B 589 3.28 27.17 31.69
CA VAL B 589 3.22 27.24 33.15
C VAL B 589 4.38 26.40 33.69
N GLY B 590 5.52 27.05 33.96
CA GLY B 590 6.71 26.39 34.47
C GLY B 590 7.29 25.48 33.42
N ASN B 591 7.42 24.18 33.72
CA ASN B 591 7.89 23.20 32.76
C ASN B 591 6.73 22.45 32.08
N VAL B 592 5.54 23.04 32.07
CA VAL B 592 4.35 22.46 31.46
C VAL B 592 3.91 23.38 30.32
N ALA B 593 3.94 22.87 29.09
CA ALA B 593 3.46 23.60 27.93
C ALA B 593 2.12 23.02 27.47
N ILE B 594 1.36 23.81 26.73
CA ILE B 594 -0.01 23.43 26.33
C ILE B 594 -0.06 23.35 24.80
N ALA B 595 -0.50 22.19 24.30
CA ALA B 595 -0.63 21.91 22.88
C ALA B 595 -2.08 21.58 22.54
N ASN B 596 -2.30 20.62 21.62
CA ASN B 596 -3.61 20.28 21.05
C ASN B 596 -4.01 21.33 20.03
N SER B 597 -4.77 20.91 19.02
CA SER B 597 -5.33 21.86 18.06
C SER B 597 -6.23 22.86 18.76
N ASP B 598 -6.82 22.48 19.89
CA ASP B 598 -7.62 23.43 20.68
C ASP B 598 -6.85 24.72 20.91
N ALA B 599 -5.54 24.63 21.18
CA ALA B 599 -4.80 25.84 21.56
C ALA B 599 -4.72 26.85 20.43
N ALA B 600 -5.10 26.48 19.21
CA ALA B 600 -5.14 27.40 18.06
C ALA B 600 -6.55 27.84 17.69
N TRP B 601 -7.57 27.39 18.44
CA TRP B 601 -8.97 27.59 18.09
C TRP B 601 -9.22 27.24 16.62
N ASP B 602 -8.70 26.08 16.21
CA ASP B 602 -8.56 25.73 14.79
C ASP B 602 -8.58 24.20 14.69
N ALA B 603 -9.63 23.63 14.12
CA ALA B 603 -9.82 22.19 14.21
C ALA B 603 -9.23 21.50 12.98
N TYR B 604 -7.90 21.48 12.94
CA TYR B 604 -7.18 20.85 11.83
C TYR B 604 -5.98 20.07 12.34
N ALA B 605 -5.62 19.04 11.58
CA ALA B 605 -4.47 18.21 11.90
C ALA B 605 -3.17 19.02 11.83
N HIS B 606 -3.07 19.94 10.87
CA HIS B 606 -1.85 20.75 10.80
C HIS B 606 -1.76 21.73 11.96
N ALA B 607 -2.90 22.19 12.49
CA ALA B 607 -2.88 22.97 13.72
C ALA B 607 -2.43 22.12 14.91
N ALA B 608 -2.86 20.85 14.95
CA ALA B 608 -2.40 19.97 16.03
C ALA B 608 -0.89 19.82 16.00
N ILE B 609 -0.31 19.75 14.81
CA ILE B 609 1.15 19.64 14.72
C ILE B 609 1.80 20.98 15.06
N ASP B 610 1.27 22.09 14.55
CA ASP B 610 1.93 23.38 14.80
C ASP B 610 1.85 23.77 16.27
N GLN B 611 0.72 23.47 16.94
CA GLN B 611 0.65 23.77 18.38
C GLN B 611 1.61 22.89 19.17
N ALA B 612 1.80 21.64 18.73
CA ALA B 612 2.76 20.77 19.41
C ALA B 612 4.19 21.28 19.22
N VAL B 613 4.49 21.81 18.02
CA VAL B 613 5.82 22.35 17.76
C VAL B 613 6.07 23.58 18.62
N ARG B 614 5.08 24.46 18.73
CA ARG B 614 5.22 25.63 19.60
C ARG B 614 5.47 25.20 21.05
N ALA B 615 4.69 24.23 21.56
CA ALA B 615 4.85 23.74 22.93
C ALA B 615 6.24 23.19 23.19
N VAL B 616 6.75 22.39 22.25
CA VAL B 616 8.03 21.74 22.48
C VAL B 616 9.16 22.76 22.48
N ARG B 617 9.08 23.75 21.58
CA ARG B 617 10.14 24.75 21.49
C ARG B 617 10.13 25.70 22.67
N GLU B 618 9.04 25.73 23.42
CA GLU B 618 8.98 26.52 24.64
C GLU B 618 9.60 25.79 25.82
N LEU B 619 9.75 24.47 25.74
CA LEU B 619 10.27 23.70 26.86
C LEU B 619 11.79 23.59 26.83
N GLY B 620 12.37 23.48 25.66
CA GLY B 620 13.80 23.23 25.54
C GLY B 620 14.28 21.90 26.10
PA FAD C . 18.97 -17.77 -4.84
O1A FAD C . 18.81 -18.82 -5.87
O2A FAD C . 17.70 -17.05 -4.45
O5B FAD C . 19.73 -18.39 -3.56
C5B FAD C . 19.70 -17.70 -2.28
C4B FAD C . 19.20 -18.69 -1.25
O4B FAD C . 19.49 -18.23 0.10
C3B FAD C . 17.69 -18.96 -1.32
O3B FAD C . 17.40 -20.35 -1.37
C2B FAD C . 17.17 -18.35 -0.02
O2B FAD C . 16.04 -19.04 0.48
C1B FAD C . 18.37 -18.60 0.88
N9A FAD C . 18.32 -17.88 2.16
C8A FAD C . 17.73 -16.67 2.39
N7A FAD C . 17.79 -16.27 3.64
C5A FAD C . 18.44 -17.32 4.28
C6A FAD C . 18.81 -17.53 5.62
N6A FAD C . 18.56 -16.67 6.61
N1A FAD C . 19.45 -18.68 5.92
C2A FAD C . 19.69 -19.56 4.95
N3A FAD C . 19.39 -19.47 3.64
C4A FAD C . 18.77 -18.32 3.37
N1 FAD C . 18.57 -16.38 -14.34
C2 FAD C . 19.11 -16.74 -15.55
O2 FAD C . 20.30 -16.51 -15.82
N3 FAD C . 18.31 -17.36 -16.48
C4 FAD C . 16.98 -17.70 -16.33
O4 FAD C . 16.38 -18.26 -17.23
C4X FAD C . 16.42 -17.31 -15.04
N5 FAD C . 15.13 -17.57 -14.80
C5X FAD C . 14.63 -17.22 -13.55
C6 FAD C . 13.29 -17.50 -13.25
C7 FAD C . 12.74 -17.14 -12.01
C7M FAD C . 11.30 -17.46 -11.70
C8 FAD C . 13.54 -16.50 -11.06
C8M FAD C . 12.99 -16.12 -9.70
C9 FAD C . 14.87 -16.23 -11.36
C9A FAD C . 15.42 -16.57 -12.58
N10 FAD C . 16.77 -16.31 -12.89
C10 FAD C . 17.30 -16.67 -14.10
C1' FAD C . 17.64 -15.59 -11.94
C2' FAD C . 18.03 -16.39 -10.71
O2' FAD C . 17.77 -15.58 -9.55
C3' FAD C . 19.50 -16.77 -10.81
O3' FAD C . 19.64 -17.51 -12.02
C4' FAD C . 19.98 -17.66 -9.67
O4' FAD C . 19.16 -18.83 -9.62
C5' FAD C . 19.99 -16.94 -8.33
O5' FAD C . 20.98 -17.54 -7.48
P FAD C . 21.38 -16.90 -6.11
O1P FAD C . 21.93 -15.51 -6.40
O2P FAD C . 22.22 -17.94 -5.37
O3P FAD C . 20.00 -16.67 -5.35
CHA HEM D . 9.31 -9.50 3.59
CHB HEM D . 5.93 -12.50 1.71
CHC HEM D . 9.26 -16.07 1.67
CHD HEM D . 12.38 -13.25 4.06
C1A HEM D . 8.12 -10.00 3.05
C2A HEM D . 6.91 -9.24 2.84
C3A HEM D . 5.98 -10.06 2.35
C4A HEM D . 6.57 -11.37 2.20
CMA HEM D . 4.53 -9.67 1.95
CAA HEM D . 6.74 -7.72 3.16
CBA HEM D . 7.11 -6.89 1.93
CGA HEM D . 8.62 -6.81 1.76
O1A HEM D . 9.32 -6.30 2.68
O2A HEM D . 9.14 -7.23 0.68
C1B HEM D . 6.52 -13.74 1.54
C2B HEM D . 5.89 -14.98 1.07
C3B HEM D . 6.86 -15.91 1.07
C4B HEM D . 8.09 -15.34 1.56
CMB HEM D . 4.42 -15.18 0.61
CAB HEM D . 6.83 -17.38 0.70
CBB HEM D . 5.79 -18.12 1.04
C1C HEM D . 10.44 -15.64 2.27
C2C HEM D . 11.70 -16.34 2.35
C3C HEM D . 12.55 -15.52 3.01
C4C HEM D . 11.84 -14.32 3.37
CMC HEM D . 12.00 -17.76 1.76
CAC HEM D . 14.01 -15.71 3.45
CBC HEM D . 14.51 -16.89 3.80
C1D HEM D . 11.82 -12.00 4.17
C2D HEM D . 12.35 -10.90 4.91
C3D HEM D . 11.50 -9.86 4.79
C4D HEM D . 10.39 -10.27 3.97
CMD HEM D . 13.67 -10.92 5.70
CAD HEM D . 11.68 -8.45 5.39
CBD HEM D . 12.33 -7.58 4.31
CGD HEM D . 12.78 -6.25 4.87
O1D HEM D . 12.36 -5.92 6.01
O2D HEM D . 13.55 -5.53 4.20
NA HEM D . 7.89 -11.29 2.65
NB HEM D . 7.86 -14.01 1.84
NC HEM D . 10.55 -14.42 2.89
ND HEM D . 10.61 -11.59 3.62
FE HEM D . 9.26 -12.85 2.73
PA FAD E . -7.28 14.91 19.75
O1A FAD E . -7.14 14.05 18.54
O2A FAD E . -8.70 15.20 20.26
O5B FAD E . -6.38 14.22 20.89
C5B FAD E . -6.44 14.66 22.27
C4B FAD E . -6.56 13.41 23.10
O4B FAD E . -6.34 13.70 24.52
C3B FAD E . -7.95 12.75 23.01
O3B FAD E . -7.84 11.35 22.77
C2B FAD E . -8.53 13.00 24.41
O2B FAD E . -9.45 12.01 24.82
C1B FAD E . -7.25 12.91 25.23
N9A FAD E . -7.38 13.35 26.62
C8A FAD E . -8.27 14.26 27.13
N7A FAD E . -8.20 14.39 28.44
C5A FAD E . -7.23 13.48 28.82
C6A FAD E . -6.70 13.12 30.07
N6A FAD E . -7.07 13.67 31.23
N1A FAD E . -5.75 12.16 30.09
C2A FAD E . -5.36 11.61 28.94
N3A FAD E . -5.79 11.86 27.71
C4A FAD E . -6.73 12.81 27.70
N1 FAD E . -8.87 17.90 10.76
C2 FAD E . -8.37 18.00 9.49
O2 FAD E . -7.34 18.63 9.25
N3 FAD E . -9.05 17.38 8.46
C4 FAD E . -10.21 16.63 8.57
O4 FAD E . -10.69 16.12 7.57
C4X FAD E . -10.72 16.54 9.93
N5 FAD E . -11.84 15.82 10.14
C5X FAD E . -12.31 15.75 11.46
C6 FAD E . -13.47 15.02 11.73
C7 FAD E . -13.96 14.91 13.04
C7M FAD E . -15.21 14.12 13.31
C8 FAD E . -13.29 15.56 14.09
C8M FAD E . -13.79 15.48 15.51
C9 FAD E . -12.13 16.29 13.82
C9A FAD E . -11.64 16.39 12.52
N10 FAD E . -10.46 17.12 12.23
C10 FAD E . -9.98 17.20 10.95
C1' FAD E . -9.75 17.84 13.29
C2' FAD E . -9.03 16.95 14.28
O2' FAD E . -9.41 17.32 15.60
C3' FAD E . -7.52 17.09 14.06
O3' FAD E . -7.26 16.74 12.71
C4' FAD E . -6.66 16.24 14.99
O4' FAD E . -7.13 14.88 14.98
C5' FAD E . -6.67 16.82 16.39
O5' FAD E . -5.61 16.23 17.16
P FAD E . -5.32 16.70 18.63
O1P FAD E . -5.28 18.23 18.59
O2P FAD E . -4.11 16.02 19.17
O3P FAD E . -6.60 16.32 19.49
CHA HEM F . -18.32 17.97 29.86
CHB HEM F . -20.65 14.52 27.34
CHC HEM F . -16.40 12.26 26.61
CHD HEM F . -14.19 15.39 29.54
C1A HEM F . -19.32 17.24 29.24
C2A HEM F . -20.72 17.60 29.21
C3A HEM F . -21.36 16.63 28.52
C4A HEM F . -20.39 15.65 28.08
CMA HEM F . -22.88 16.53 28.21
CAA HEM F . -21.32 18.87 29.88
CBA HEM F . -21.49 20.03 28.91
CGA HEM F . -20.18 20.70 28.60
O1A HEM F . -19.65 21.42 29.48
O2A HEM F . -19.65 20.50 27.46
C1B HEM F . -19.72 13.58 26.97
C2B HEM F . -19.98 12.32 26.30
C3B HEM F . -18.78 11.73 26.16
C4B HEM F . -17.75 12.58 26.65
CMB HEM F . -21.36 11.75 25.90
CAB HEM F . -18.40 10.40 25.52
CBB HEM F . -18.94 10.08 24.36
C1C HEM F . -15.39 12.91 27.28
C2C HEM F . -13.97 12.66 27.20
C3C HEM F . -13.39 13.56 28.02
C4C HEM F . -14.41 14.37 28.63
CMC HEM F . -13.32 11.55 26.31
CAC HEM F . -11.92 13.81 28.40
CBC HEM F . -10.95 12.95 28.11
C1D HEM F . -15.13 16.35 29.90
C2D HEM F . -14.89 17.46 30.81
C3D HEM F . -16.02 18.18 30.92
C4D HEM F . -17.02 17.54 30.07
CMD HEM F . -13.56 17.73 31.52
CAD HEM F . -16.20 19.45 31.79
CBD HEM F . -16.13 20.69 30.88
CGD HEM F . -15.96 21.99 31.65
O1D HEM F . -15.43 22.99 31.07
O2D HEM F . -16.33 22.05 32.84
NA HEM F . -19.14 16.06 28.53
NB HEM F . -18.36 13.71 27.16
NC HEM F . -15.63 13.94 28.16
ND HEM F . -16.44 16.43 29.46
FE HEM F . -17.36 15.02 28.35
#